data_4U6D
#
_entry.id   4U6D
#
_cell.length_a   57.109
_cell.length_b   226.132
_cell.length_c   67.124
_cell.angle_alpha   90.00
_cell.angle_beta   90.00
_cell.angle_gamma   90.00
#
_symmetry.space_group_name_H-M   'P 21 21 21'
#
loop_
_entity.id
_entity.type
_entity.pdbx_description
1 polymer 'Conserved hypothetical periplasmic protein'
2 non-polymer 'CALCIUM ION'
3 non-polymer DI(HYDROXYETHYL)ETHER
4 non-polymer 1,2-ETHANEDIOL
5 non-polymer 3,6-anhydro-beta-L-galactopyranose
6 water water
#
_entity_poly.entity_id   1
_entity_poly.type   'polypeptide(L)'
_entity_poly.pdbx_seq_one_letter_code
;MNMKNKFSFLLLLLTIYGFAQEKNKQPEGFPFILPKEKPNRPLSAAMQRNYDNYMAPRPENNELYTQFKYTELKGFDYNG
HDGTISRRDPSKVIYENGKYYVWYTYRNTPTPPQGAKNSNDTIPSADWDLAEIWYATSKDGFTWEEQGVAVPRPPKPNVG
WRSVTTTDILKWKGKFYLYYQGFMEASGTRGDDCPVAVSYADSPDGPWTPHTEVVIPNGKKGEWDQYSIHDPYPIVYKDK
IYLYYKSDFDGDPNLVRMQGLAIADNPLGPFKKSPLNPVINSGHETTLFPFKEGMAALVIRDGTEHNTVQYAEDGVNFNI
ASIVEFMPNAAGPYVADAFTNTKYGRGISWGISHFTNATTWDQNHAVLARFDCDLSLDVDDPHMKRLGTYFKPEFYYQMG
LSKKQRERIEKQPK
;
_entity_poly.pdbx_strand_id   A,B
#
loop_
_chem_comp.id
_chem_comp.type
_chem_comp.name
_chem_comp.formula
3DY L-saccharide 3,6-anhydro-beta-L-galactopyranose 'C6 H10 O5'
CA non-polymer 'CALCIUM ION' 'Ca 2'
EDO non-polymer 1,2-ETHANEDIOL 'C2 H6 O2'
PEG non-polymer DI(HYDROXYETHYL)ETHER 'C4 H10 O3'
#
# COMPACT_ATOMS: atom_id res chain seq x y z
N GLU A 28 27.38 15.98 -14.54
CA GLU A 28 27.53 14.51 -14.53
C GLU A 28 26.54 13.71 -13.63
N GLY A 29 26.43 14.06 -12.32
CA GLY A 29 25.56 13.36 -11.35
C GLY A 29 24.09 13.72 -11.63
N PHE A 30 23.13 12.95 -11.11
CA PHE A 30 21.70 13.22 -11.38
C PHE A 30 21.34 14.63 -10.87
N PRO A 31 20.52 15.40 -11.60
CA PRO A 31 20.27 16.78 -11.17
C PRO A 31 19.50 16.98 -9.86
N PHE A 32 19.80 18.10 -9.20
CA PHE A 32 19.08 18.48 -8.01
C PHE A 32 17.62 18.89 -8.24
N ILE A 33 17.35 19.56 -9.37
CA ILE A 33 15.96 19.84 -9.79
C ILE A 33 15.46 18.65 -10.60
N LEU A 34 14.38 18.03 -10.14
CA LEU A 34 13.89 16.80 -10.74
C LEU A 34 13.37 17.12 -12.14
N PRO A 35 13.93 16.49 -13.18
CA PRO A 35 13.54 16.80 -14.55
C PRO A 35 12.09 16.38 -14.79
N LYS A 36 11.31 17.17 -15.55
CA LYS A 36 9.92 16.77 -15.88
C LYS A 36 9.88 15.65 -16.92
N GLU A 37 10.88 15.63 -17.79
CA GLU A 37 11.03 14.63 -18.83
C GLU A 37 12.26 13.78 -18.53
N LYS A 38 12.28 12.55 -19.04
CA LYS A 38 13.40 11.65 -18.75
C LYS A 38 14.73 12.25 -19.25
N PRO A 39 15.75 12.37 -18.37
CA PRO A 39 17.04 12.90 -18.84
C PRO A 39 17.75 11.92 -19.79
N ASN A 40 18.49 12.47 -20.75
CA ASN A 40 19.28 11.67 -21.66
C ASN A 40 20.67 11.42 -21.08
N ARG A 41 20.77 10.35 -20.29
CA ARG A 41 21.96 10.00 -19.51
C ARG A 41 21.75 8.53 -19.09
N PRO A 42 22.83 7.78 -18.77
CA PRO A 42 22.59 6.45 -18.20
C PRO A 42 21.84 6.53 -16.88
N LEU A 43 20.84 5.66 -16.73
CA LEU A 43 19.98 5.73 -15.55
C LEU A 43 19.85 4.34 -15.00
N SER A 44 19.67 4.26 -13.69
CA SER A 44 19.38 2.97 -13.08
C SER A 44 18.03 2.43 -13.56
N ALA A 45 17.83 1.12 -13.39
CA ALA A 45 16.50 0.53 -13.68
C ALA A 45 15.37 1.31 -12.97
N ALA A 46 15.59 1.69 -11.71
CA ALA A 46 14.52 2.38 -10.95
C ALA A 46 14.23 3.80 -11.45
N MET A 47 15.29 4.53 -11.78
N MET A 47 15.30 4.54 -11.77
CA MET A 47 15.10 5.85 -12.39
CA MET A 47 15.07 5.87 -12.37
C MET A 47 14.42 5.80 -13.76
C MET A 47 14.43 5.83 -13.77
N GLN A 48 14.85 4.88 -14.62
CA GLN A 48 14.20 4.67 -15.92
C GLN A 48 12.72 4.40 -15.69
N ARG A 49 12.42 3.54 -14.71
CA ARG A 49 11.01 3.21 -14.44
C ARG A 49 10.21 4.43 -13.96
N ASN A 50 10.83 5.26 -13.14
CA ASN A 50 10.17 6.46 -12.63
C ASN A 50 9.60 7.39 -13.73
N TYR A 51 10.32 7.42 -14.86
CA TYR A 51 9.92 8.15 -16.06
C TYR A 51 9.10 7.34 -17.04
N ASP A 52 9.44 6.07 -17.21
CA ASP A 52 8.87 5.29 -18.33
C ASP A 52 7.52 4.70 -18.00
N ASN A 53 7.26 4.45 -16.71
CA ASN A 53 6.10 3.64 -16.30
C ASN A 53 4.94 4.39 -15.69
N TYR A 54 5.12 5.67 -15.37
CA TYR A 54 4.06 6.41 -14.65
C TYR A 54 3.77 7.68 -15.41
N MET A 55 2.60 8.27 -15.16
CA MET A 55 2.18 9.49 -15.87
C MET A 55 3.00 10.72 -15.45
N ALA A 56 3.73 10.63 -14.35
CA ALA A 56 4.62 11.74 -13.92
C ALA A 56 5.72 11.15 -13.02
N PRO A 57 6.90 11.82 -12.94
CA PRO A 57 8.02 11.27 -12.17
C PRO A 57 7.88 11.63 -10.69
N ARG A 58 6.72 12.16 -10.27
CA ARG A 58 6.50 12.41 -8.83
C ARG A 58 5.01 12.33 -8.52
N PRO A 59 4.68 11.94 -7.26
CA PRO A 59 3.27 11.71 -6.90
C PRO A 59 2.41 12.97 -7.07
N GLU A 60 2.98 14.17 -6.85
CA GLU A 60 2.16 15.40 -6.82
C GLU A 60 1.52 15.67 -8.17
N ASN A 61 2.20 15.25 -9.25
CA ASN A 61 1.75 15.44 -10.62
C ASN A 61 1.19 14.20 -11.29
N ASN A 62 1.09 13.11 -10.52
CA ASN A 62 0.49 11.87 -11.05
C ASN A 62 -1.03 11.89 -10.88
N GLU A 63 -1.77 12.12 -11.99
CA GLU A 63 -3.22 12.23 -11.95
C GLU A 63 -3.90 10.97 -11.41
N LEU A 64 -3.18 9.85 -11.41
CA LEU A 64 -3.78 8.63 -10.87
C LEU A 64 -3.28 8.19 -9.48
N TYR A 65 -2.51 9.07 -8.83
CA TYR A 65 -2.19 8.93 -7.39
C TYR A 65 -3.22 9.71 -6.57
N THR A 66 -3.70 9.10 -5.49
CA THR A 66 -4.58 9.83 -4.57
C THR A 66 -4.58 9.19 -3.20
N GLN A 67 -5.04 9.98 -2.23
CA GLN A 67 -5.51 9.44 -0.97
C GLN A 67 -7.06 9.31 -1.04
N PHE A 68 -7.62 8.58 -0.06
CA PHE A 68 -9.09 8.40 0.01
C PHE A 68 -9.57 8.88 1.36
N LYS A 69 -10.63 9.70 1.36
CA LYS A 69 -11.21 10.16 2.62
C LYS A 69 -12.62 9.58 2.74
N TYR A 70 -13.02 9.25 3.98
CA TYR A 70 -14.29 8.56 4.22
C TYR A 70 -15.26 9.37 5.04
N THR A 71 -16.54 9.34 4.64
CA THR A 71 -17.58 10.08 5.36
C THR A 71 -18.69 9.11 5.66
N GLU A 72 -19.18 9.11 6.93
CA GLU A 72 -20.33 8.27 7.33
C GLU A 72 -21.59 8.83 6.69
N LEU A 73 -22.34 7.95 6.01
CA LEU A 73 -23.60 8.32 5.39
C LEU A 73 -24.69 8.52 6.43
N LYS A 74 -25.64 9.37 6.07
CA LYS A 74 -26.91 9.45 6.80
C LYS A 74 -28.02 8.91 5.89
N GLY A 75 -29.02 8.27 6.50
CA GLY A 75 -30.19 7.84 5.76
C GLY A 75 -30.45 6.34 5.80
N PHE A 76 -29.51 5.57 6.32
CA PHE A 76 -29.65 4.13 6.28
C PHE A 76 -29.76 3.49 7.64
N ASP A 77 -30.86 2.77 7.86
CA ASP A 77 -31.10 2.07 9.11
C ASP A 77 -30.68 0.60 9.06
N TYR A 78 -29.93 0.15 10.08
CA TYR A 78 -29.42 -1.22 10.09
C TYR A 78 -29.96 -2.07 11.24
N ASN A 79 -31.15 -1.72 11.71
CA ASN A 79 -31.79 -2.51 12.80
C ASN A 79 -30.86 -2.62 14.01
N GLY A 80 -30.23 -1.51 14.39
CA GLY A 80 -29.29 -1.51 15.53
C GLY A 80 -28.03 -2.32 15.31
N HIS A 81 -27.71 -2.58 14.03
CA HIS A 81 -26.49 -3.32 13.66
C HIS A 81 -26.40 -4.69 14.25
N ASP A 82 -27.53 -5.40 14.25
CA ASP A 82 -27.62 -6.70 14.88
C ASP A 82 -27.41 -7.81 13.89
N GLY A 83 -27.09 -7.44 12.64
CA GLY A 83 -26.74 -8.41 11.65
C GLY A 83 -27.92 -8.86 10.79
N THR A 84 -29.12 -8.38 11.12
CA THR A 84 -30.30 -8.69 10.30
C THR A 84 -30.35 -7.88 9.01
N ILE A 85 -29.76 -6.70 8.99
CA ILE A 85 -29.78 -5.84 7.77
C ILE A 85 -28.37 -5.55 7.31
N SER A 86 -28.13 -5.78 5.99
CA SER A 86 -26.83 -5.41 5.39
C SER A 86 -27.05 -4.62 4.12
N ARG A 87 -26.16 -3.67 3.84
CA ARG A 87 -26.15 -3.00 2.50
C ARG A 87 -24.71 -2.99 2.02
N ARG A 88 -24.51 -3.40 0.76
CA ARG A 88 -23.12 -3.53 0.28
C ARG A 88 -23.08 -3.48 -1.25
N ASP A 89 -21.84 -3.38 -1.77
CA ASP A 89 -21.58 -3.44 -3.21
C ASP A 89 -22.39 -2.44 -4.02
N PRO A 90 -22.21 -1.16 -3.71
CA PRO A 90 -22.98 -0.14 -4.44
C PRO A 90 -22.65 -0.13 -5.94
N SER A 91 -23.67 0.10 -6.73
CA SER A 91 -23.48 0.42 -8.17
C SER A 91 -22.66 1.70 -8.29
N LYS A 92 -22.16 1.98 -9.49
CA LYS A 92 -21.79 3.37 -9.81
C LYS A 92 -22.94 4.29 -9.42
N VAL A 93 -22.60 5.51 -9.05
CA VAL A 93 -23.64 6.55 -8.77
C VAL A 93 -23.95 7.23 -10.09
N ILE A 94 -25.24 7.48 -10.38
CA ILE A 94 -25.61 8.25 -11.55
C ILE A 94 -26.46 9.45 -11.16
N TYR A 95 -26.61 10.38 -12.09
CA TYR A 95 -27.41 11.60 -11.90
C TYR A 95 -28.52 11.63 -12.95
N GLU A 96 -29.74 11.60 -12.47
CA GLU A 96 -30.95 11.61 -13.30
C GLU A 96 -32.00 12.32 -12.49
N ASN A 97 -32.94 12.98 -13.16
CA ASN A 97 -34.10 13.60 -12.48
C ASN A 97 -33.66 14.55 -11.35
N GLY A 98 -32.55 15.22 -11.58
CA GLY A 98 -32.04 16.22 -10.65
C GLY A 98 -31.46 15.69 -9.36
N LYS A 99 -31.12 14.40 -9.33
CA LYS A 99 -30.57 13.83 -8.11
C LYS A 99 -29.67 12.66 -8.44
N TYR A 100 -28.89 12.26 -7.45
CA TYR A 100 -28.01 11.08 -7.52
C TYR A 100 -28.77 9.84 -7.13
N TYR A 101 -28.48 8.77 -7.87
CA TYR A 101 -29.03 7.46 -7.57
C TYR A 101 -27.91 6.46 -7.33
N VAL A 102 -28.16 5.51 -6.48
CA VAL A 102 -27.26 4.39 -6.23
C VAL A 102 -28.10 3.14 -5.95
N TRP A 103 -27.64 2.01 -6.49
CA TRP A 103 -28.28 0.71 -6.22
C TRP A 103 -27.32 -0.11 -5.38
N TYR A 104 -27.85 -1.03 -4.58
CA TYR A 104 -27.00 -1.87 -3.73
C TYR A 104 -27.64 -3.17 -3.32
N THR A 105 -26.83 -4.08 -2.79
CA THR A 105 -27.33 -5.35 -2.27
C THR A 105 -27.99 -5.03 -0.93
N TYR A 106 -29.20 -5.55 -0.69
CA TYR A 106 -29.98 -5.29 0.55
C TYR A 106 -30.44 -6.60 1.05
N ARG A 107 -29.98 -6.93 2.26
CA ARG A 107 -30.39 -8.18 2.91
C ARG A 107 -31.13 -7.73 4.16
N ASN A 108 -32.33 -8.27 4.36
CA ASN A 108 -33.05 -8.09 5.65
C ASN A 108 -33.63 -9.46 5.98
N THR A 109 -32.96 -10.18 6.87
CA THR A 109 -33.35 -11.53 7.29
C THR A 109 -33.48 -11.60 8.82
N PRO A 110 -34.37 -12.45 9.34
CA PRO A 110 -34.50 -12.47 10.81
C PRO A 110 -33.25 -12.95 11.57
N THR A 111 -32.43 -13.79 10.93
CA THR A 111 -31.23 -14.41 11.46
C THR A 111 -30.05 -13.86 10.63
N PRO A 112 -28.93 -13.48 11.30
CA PRO A 112 -27.77 -13.12 10.48
C PRO A 112 -27.19 -14.36 9.78
N PRO A 113 -26.19 -14.16 8.91
CA PRO A 113 -25.61 -15.27 8.15
C PRO A 113 -25.10 -16.41 9.02
N GLN A 114 -25.40 -17.65 8.62
CA GLN A 114 -24.94 -18.85 9.35
C GLN A 114 -23.98 -19.80 8.64
N GLY A 115 -23.55 -19.47 7.42
CA GLY A 115 -22.72 -20.39 6.65
C GLY A 115 -23.63 -21.33 5.89
N ALA A 116 -23.10 -21.89 4.81
CA ALA A 116 -23.91 -22.64 3.88
C ALA A 116 -24.50 -23.88 4.54
N LYS A 117 -23.69 -24.58 5.32
CA LYS A 117 -24.13 -25.84 5.97
C LYS A 117 -25.41 -25.63 6.76
N ASN A 118 -25.50 -24.50 7.45
CA ASN A 118 -26.61 -24.19 8.32
C ASN A 118 -27.66 -23.23 7.73
N SER A 119 -27.58 -22.99 6.43
CA SER A 119 -28.55 -22.12 5.78
C SER A 119 -29.79 -22.92 5.36
N ASN A 120 -30.87 -22.22 5.05
CA ASN A 120 -32.07 -22.89 4.48
C ASN A 120 -32.87 -21.85 3.68
N ASP A 121 -34.17 -22.04 3.50
CA ASP A 121 -34.89 -21.09 2.67
C ASP A 121 -35.03 -19.69 3.28
N THR A 122 -34.94 -19.58 4.62
CA THR A 122 -35.01 -18.27 5.27
C THR A 122 -33.74 -17.81 6.01
N ILE A 123 -32.80 -18.73 6.29
CA ILE A 123 -31.56 -18.37 7.01
C ILE A 123 -30.46 -18.25 5.97
N PRO A 124 -29.83 -17.06 5.88
CA PRO A 124 -28.82 -16.85 4.81
C PRO A 124 -27.49 -17.53 5.10
N SER A 125 -26.77 -17.94 4.04
CA SER A 125 -25.45 -18.56 4.21
C SER A 125 -24.39 -17.48 4.41
N ALA A 126 -24.33 -16.58 3.46
CA ALA A 126 -23.41 -15.42 3.49
C ALA A 126 -24.14 -14.10 3.61
N ASP A 127 -23.38 -13.01 3.81
CA ASP A 127 -23.94 -11.69 3.96
C ASP A 127 -24.81 -11.26 2.78
N TRP A 128 -24.45 -11.73 1.58
CA TRP A 128 -25.15 -11.35 0.35
C TRP A 128 -26.18 -12.42 -0.10
N ASP A 129 -26.45 -13.41 0.75
CA ASP A 129 -27.48 -14.45 0.42
C ASP A 129 -28.88 -13.96 0.77
N LEU A 130 -29.89 -14.49 0.08
CA LEU A 130 -31.30 -14.13 0.32
C LEU A 130 -31.56 -12.62 0.21
N ALA A 131 -30.84 -11.99 -0.74
CA ALA A 131 -30.84 -10.53 -0.88
C ALA A 131 -31.55 -10.04 -2.13
N GLU A 132 -31.96 -8.77 -2.11
CA GLU A 132 -32.55 -8.08 -3.24
C GLU A 132 -31.63 -6.91 -3.62
N ILE A 133 -31.92 -6.28 -4.76
CA ILE A 133 -31.28 -5.02 -5.07
C ILE A 133 -32.24 -3.90 -4.69
N TRP A 134 -31.79 -3.06 -3.77
CA TRP A 134 -32.54 -1.84 -3.45
C TRP A 134 -31.87 -0.58 -3.97
N TYR A 135 -32.51 0.60 -3.81
CA TYR A 135 -31.93 1.82 -4.32
C TYR A 135 -32.22 3.00 -3.41
N ALA A 136 -31.39 4.02 -3.56
CA ALA A 136 -31.48 5.22 -2.77
C ALA A 136 -31.16 6.43 -3.63
N THR A 137 -31.63 7.59 -3.21
CA THR A 137 -31.33 8.82 -3.93
C THR A 137 -30.80 9.89 -2.97
N SER A 138 -30.20 10.91 -3.56
CA SER A 138 -29.55 11.96 -2.74
C SER A 138 -29.38 13.22 -3.54
N LYS A 139 -29.50 14.37 -2.87
CA LYS A 139 -29.18 15.62 -3.56
C LYS A 139 -27.68 15.95 -3.48
N ASP A 140 -27.00 15.44 -2.46
CA ASP A 140 -25.58 15.82 -2.25
C ASP A 140 -24.59 14.69 -2.11
N GLY A 141 -25.05 13.44 -2.12
CA GLY A 141 -24.18 12.28 -1.96
C GLY A 141 -23.77 12.00 -0.51
N PHE A 142 -24.23 12.83 0.45
CA PHE A 142 -23.94 12.61 1.87
C PHE A 142 -25.12 12.10 2.69
N THR A 143 -26.30 12.70 2.44
CA THR A 143 -27.55 12.19 2.99
C THR A 143 -28.36 11.52 1.90
N TRP A 144 -28.68 10.26 2.15
CA TRP A 144 -29.44 9.43 1.20
C TRP A 144 -30.79 9.10 1.75
N GLU A 145 -31.73 8.85 0.83
CA GLU A 145 -33.04 8.34 1.21
C GLU A 145 -33.29 7.02 0.51
N GLU A 146 -33.56 5.99 1.30
CA GLU A 146 -33.77 4.66 0.76
C GLU A 146 -35.15 4.60 0.08
N GLN A 147 -35.18 4.19 -1.19
CA GLN A 147 -36.44 4.26 -2.00
C GLN A 147 -37.14 2.91 -2.02
N GLY A 148 -36.47 1.85 -1.62
CA GLY A 148 -37.09 0.53 -1.61
C GLY A 148 -36.50 -0.39 -2.68
N VAL A 149 -37.29 -1.39 -3.07
CA VAL A 149 -36.77 -2.49 -3.89
C VAL A 149 -36.69 -2.02 -5.36
N ALA A 150 -35.59 -2.39 -6.04
CA ALA A 150 -35.46 -2.27 -7.52
C ALA A 150 -35.58 -3.65 -8.14
N VAL A 151 -34.69 -4.57 -7.77
CA VAL A 151 -34.77 -5.94 -8.31
C VAL A 151 -35.14 -6.91 -7.20
N PRO A 152 -36.39 -7.44 -7.25
CA PRO A 152 -36.74 -8.47 -6.32
C PRO A 152 -36.16 -9.83 -6.71
N ARG A 153 -36.13 -10.78 -5.78
CA ARG A 153 -35.73 -12.13 -6.19
C ARG A 153 -36.80 -12.72 -7.09
N PRO A 154 -36.38 -13.29 -8.25
CA PRO A 154 -37.34 -13.95 -9.17
C PRO A 154 -37.79 -15.30 -8.57
N PRO A 155 -38.87 -15.89 -9.12
CA PRO A 155 -39.27 -17.21 -8.65
C PRO A 155 -38.30 -18.29 -9.06
N LYS A 156 -38.20 -19.28 -8.19
CA LYS A 156 -37.49 -20.51 -8.45
C LYS A 156 -38.07 -21.15 -9.72
N PRO A 157 -37.22 -21.69 -10.62
CA PRO A 157 -35.78 -21.88 -10.54
C PRO A 157 -34.97 -20.85 -11.35
N ASN A 158 -35.55 -19.68 -11.61
CA ASN A 158 -34.96 -18.68 -12.50
C ASN A 158 -33.63 -18.24 -11.91
N VAL A 159 -32.67 -17.90 -12.78
CA VAL A 159 -31.38 -17.34 -12.34
C VAL A 159 -31.65 -16.18 -11.37
N GLY A 160 -31.05 -16.27 -10.18
CA GLY A 160 -31.19 -15.22 -9.18
C GLY A 160 -32.24 -15.55 -8.13
N TRP A 161 -32.97 -16.66 -8.27
CA TRP A 161 -34.05 -16.89 -7.30
C TRP A 161 -33.52 -16.92 -5.86
N ARG A 162 -32.28 -17.37 -5.66
CA ARG A 162 -31.75 -17.50 -4.32
C ARG A 162 -31.28 -16.15 -3.77
N SER A 163 -30.71 -15.32 -4.63
CA SER A 163 -30.20 -14.03 -4.23
C SER A 163 -29.81 -13.26 -5.49
N VAL A 164 -30.18 -11.99 -5.51
CA VAL A 164 -29.73 -11.06 -6.61
C VAL A 164 -28.82 -10.01 -5.96
N THR A 165 -27.58 -9.89 -6.46
CA THR A 165 -26.56 -9.14 -5.70
C THR A 165 -25.55 -8.40 -6.59
N THR A 166 -24.86 -7.46 -5.96
CA THR A 166 -23.56 -6.98 -6.47
C THR A 166 -23.78 -6.35 -7.84
N THR A 167 -24.74 -5.43 -7.90
CA THR A 167 -25.25 -4.91 -9.15
C THR A 167 -24.46 -3.74 -9.68
N ASP A 168 -24.55 -3.50 -10.98
CA ASP A 168 -24.10 -2.22 -11.47
C ASP A 168 -24.95 -1.75 -12.62
N ILE A 169 -24.90 -0.46 -12.87
CA ILE A 169 -25.85 0.25 -13.73
C ILE A 169 -25.22 0.63 -15.09
N LEU A 170 -26.03 0.51 -16.16
CA LEU A 170 -25.69 1.00 -17.48
C LEU A 170 -26.88 1.79 -18.02
N LYS A 171 -26.61 2.92 -18.64
CA LYS A 171 -27.61 3.63 -19.44
C LYS A 171 -27.25 3.41 -20.93
N TRP A 172 -28.24 3.00 -21.71
CA TRP A 172 -27.96 2.68 -23.14
C TRP A 172 -29.19 3.05 -23.93
N LYS A 173 -29.01 3.93 -24.90
CA LYS A 173 -30.14 4.36 -25.77
C LYS A 173 -31.40 4.73 -24.99
N GLY A 174 -31.21 5.52 -23.92
CA GLY A 174 -32.33 6.03 -23.14
C GLY A 174 -32.93 5.08 -22.12
N LYS A 175 -32.46 3.85 -22.05
CA LYS A 175 -32.97 2.85 -21.11
C LYS A 175 -31.88 2.46 -20.11
N PHE A 176 -32.32 1.84 -19.00
CA PHE A 176 -31.42 1.49 -17.91
C PHE A 176 -31.37 0.01 -17.67
N TYR A 177 -30.17 -0.48 -17.31
CA TYR A 177 -29.90 -1.88 -17.16
C TYR A 177 -29.12 -2.09 -15.87
N LEU A 178 -29.58 -3.00 -15.03
CA LEU A 178 -28.84 -3.40 -13.84
C LEU A 178 -28.35 -4.80 -14.06
N TYR A 179 -27.01 -4.97 -14.15
CA TYR A 179 -26.43 -6.29 -14.20
C TYR A 179 -26.19 -6.75 -12.78
N TYR A 180 -26.42 -8.03 -12.50
CA TYR A 180 -26.22 -8.52 -11.15
C TYR A 180 -25.88 -10.01 -11.11
N GLN A 181 -25.25 -10.42 -10.02
CA GLN A 181 -25.00 -11.80 -9.76
C GLN A 181 -26.33 -12.46 -9.46
N GLY A 182 -26.57 -13.61 -10.09
CA GLY A 182 -27.83 -14.30 -9.95
C GLY A 182 -27.67 -15.71 -9.37
N PHE A 183 -27.78 -15.79 -8.07
CA PHE A 183 -27.60 -17.04 -7.39
C PHE A 183 -28.74 -18.01 -7.60
N MET A 184 -28.36 -19.27 -7.77
CA MET A 184 -29.26 -20.40 -7.89
C MET A 184 -29.08 -21.44 -6.77
N GLU A 185 -28.11 -21.21 -5.90
CA GLU A 185 -27.89 -22.05 -4.71
C GLU A 185 -27.19 -21.17 -3.70
N ALA A 186 -27.42 -21.42 -2.42
CA ALA A 186 -26.77 -20.57 -1.37
C ALA A 186 -25.25 -20.52 -1.57
N SER A 187 -24.74 -19.28 -1.52
CA SER A 187 -23.32 -19.06 -1.60
C SER A 187 -22.60 -19.92 -0.56
N GLY A 188 -21.56 -20.62 -1.01
CA GLY A 188 -20.80 -21.51 -0.15
C GLY A 188 -21.18 -22.97 -0.34
N THR A 189 -22.24 -23.26 -1.08
CA THR A 189 -22.64 -24.67 -1.30
C THR A 189 -21.51 -25.44 -2.01
N ARG A 190 -20.97 -24.87 -3.10
CA ARG A 190 -19.69 -25.40 -3.66
C ARG A 190 -18.63 -24.29 -3.50
N GLY A 191 -18.98 -23.11 -3.99
CA GLY A 191 -18.23 -21.89 -3.61
C GLY A 191 -19.15 -20.69 -3.64
N ASP A 192 -18.59 -19.52 -3.84
CA ASP A 192 -19.44 -18.33 -4.01
C ASP A 192 -19.81 -18.28 -5.50
N ASP A 193 -20.71 -19.19 -5.91
CA ASP A 193 -20.89 -19.47 -7.33
C ASP A 193 -22.14 -18.87 -7.90
N CYS A 194 -22.02 -18.32 -9.10
CA CYS A 194 -23.13 -17.70 -9.83
C CYS A 194 -22.64 -17.21 -11.19
N PRO A 195 -23.57 -17.05 -12.13
CA PRO A 195 -23.36 -16.28 -13.33
C PRO A 195 -23.92 -14.86 -13.14
N VAL A 196 -23.88 -14.07 -14.19
CA VAL A 196 -24.44 -12.74 -14.16
C VAL A 196 -25.70 -12.61 -15.05
N ALA A 197 -26.69 -11.94 -14.50
CA ALA A 197 -27.99 -11.70 -15.11
C ALA A 197 -28.23 -10.20 -15.18
N VAL A 198 -29.36 -9.82 -15.75
CA VAL A 198 -29.67 -8.38 -15.94
C VAL A 198 -31.19 -8.14 -15.86
N SER A 199 -31.55 -6.92 -15.42
CA SER A 199 -32.92 -6.40 -15.50
C SER A 199 -32.85 -5.05 -16.12
N TYR A 200 -33.99 -4.56 -16.59
CA TYR A 200 -34.00 -3.31 -17.29
C TYR A 200 -35.22 -2.46 -17.00
N ALA A 201 -35.11 -1.15 -17.28
CA ALA A 201 -36.20 -0.18 -17.00
C ALA A 201 -36.17 1.04 -17.91
N ASP A 202 -37.32 1.69 -18.06
CA ASP A 202 -37.40 2.93 -18.81
C ASP A 202 -37.02 4.15 -17.96
N SER A 203 -36.93 3.95 -16.64
CA SER A 203 -36.71 5.06 -15.68
C SER A 203 -35.81 4.49 -14.59
N PRO A 204 -34.89 5.32 -14.04
CA PRO A 204 -34.06 4.83 -12.95
C PRO A 204 -34.90 4.58 -11.70
N ASP A 205 -36.16 5.04 -11.69
CA ASP A 205 -37.05 4.65 -10.58
C ASP A 205 -37.68 3.29 -10.79
N GLY A 206 -37.34 2.58 -11.87
CA GLY A 206 -38.04 1.31 -12.09
C GLY A 206 -39.46 1.58 -12.60
N PRO A 207 -40.31 0.53 -12.65
CA PRO A 207 -40.02 -0.85 -12.29
C PRO A 207 -39.07 -1.55 -13.25
N TRP A 208 -38.48 -2.63 -12.76
CA TRP A 208 -37.37 -3.36 -13.42
C TRP A 208 -37.82 -4.72 -13.92
N THR A 209 -37.69 -4.94 -15.24
CA THR A 209 -38.10 -6.18 -15.86
C THR A 209 -36.90 -7.13 -15.99
N PRO A 210 -37.03 -8.40 -15.55
CA PRO A 210 -35.85 -9.29 -15.61
C PRO A 210 -35.66 -9.82 -17.02
N HIS A 211 -34.40 -9.94 -17.43
CA HIS A 211 -34.05 -10.65 -18.69
C HIS A 211 -34.13 -12.16 -18.52
N THR A 212 -33.95 -12.65 -17.31
CA THR A 212 -34.19 -14.09 -16.98
C THR A 212 -33.08 -15.06 -17.49
N GLU A 213 -32.61 -14.86 -18.72
N GLU A 213 -32.58 -14.87 -18.69
CA GLU A 213 -31.49 -15.62 -19.29
CA GLU A 213 -31.53 -15.74 -19.21
C GLU A 213 -30.20 -15.17 -18.62
C GLU A 213 -30.16 -15.16 -18.85
N VAL A 214 -29.19 -16.04 -18.59
CA VAL A 214 -27.84 -15.60 -18.19
C VAL A 214 -27.26 -14.72 -19.28
N VAL A 215 -26.58 -13.64 -18.85
CA VAL A 215 -26.04 -12.66 -19.80
C VAL A 215 -24.50 -12.70 -19.79
N ILE A 216 -23.88 -12.92 -18.63
CA ILE A 216 -22.47 -13.23 -18.65
C ILE A 216 -22.32 -14.64 -18.11
N PRO A 217 -21.99 -15.60 -18.99
CA PRO A 217 -21.98 -17.00 -18.54
C PRO A 217 -20.67 -17.39 -17.87
N ASN A 218 -20.74 -18.43 -17.05
CA ASN A 218 -19.54 -19.06 -16.56
C ASN A 218 -18.71 -19.67 -17.66
N GLY A 219 -17.41 -19.78 -17.41
CA GLY A 219 -16.52 -20.44 -18.34
C GLY A 219 -16.80 -21.93 -18.42
N LYS A 220 -16.12 -22.58 -19.36
CA LYS A 220 -16.23 -24.03 -19.48
C LYS A 220 -15.50 -24.76 -18.39
N LYS A 221 -15.78 -26.07 -18.26
CA LYS A 221 -15.09 -26.93 -17.30
C LYS A 221 -13.58 -26.70 -17.39
N GLY A 222 -12.96 -26.53 -16.22
CA GLY A 222 -11.51 -26.26 -16.13
C GLY A 222 -10.98 -24.87 -16.40
N GLU A 223 -11.89 -23.95 -16.73
CA GLU A 223 -11.49 -22.53 -16.94
C GLU A 223 -11.66 -21.70 -15.65
N TRP A 224 -10.90 -20.61 -15.55
CA TRP A 224 -10.77 -19.81 -14.34
C TRP A 224 -12.14 -19.26 -13.89
N ASP A 225 -13.04 -18.97 -14.84
CA ASP A 225 -14.32 -18.34 -14.50
C ASP A 225 -15.44 -19.35 -14.55
N GLN A 226 -15.09 -20.64 -14.36
CA GLN A 226 -16.13 -21.69 -14.50
C GLN A 226 -17.18 -21.68 -13.39
N TYR A 227 -16.86 -21.11 -12.22
CA TYR A 227 -17.82 -21.13 -11.08
C TYR A 227 -18.40 -19.76 -10.71
N SER A 228 -17.63 -18.68 -10.89
CA SER A 228 -18.13 -17.37 -10.47
C SER A 228 -17.91 -16.33 -11.56
N ILE A 229 -18.96 -15.58 -11.88
CA ILE A 229 -18.82 -14.29 -12.54
C ILE A 229 -19.33 -13.30 -11.49
N HIS A 230 -18.44 -12.47 -10.95
CA HIS A 230 -18.75 -11.52 -9.88
C HIS A 230 -18.57 -10.08 -10.28
N ASP A 231 -19.20 -9.18 -9.52
CA ASP A 231 -18.86 -7.75 -9.63
C ASP A 231 -19.02 -7.15 -11.03
N PRO A 232 -20.11 -7.49 -11.75
CA PRO A 232 -20.23 -6.92 -13.09
C PRO A 232 -20.19 -5.38 -13.09
N TYR A 233 -19.43 -4.82 -14.03
CA TYR A 233 -19.17 -3.38 -14.01
C TYR A 233 -19.00 -2.87 -15.44
N PRO A 234 -20.08 -2.33 -16.03
CA PRO A 234 -20.10 -1.87 -17.43
C PRO A 234 -19.69 -0.42 -17.56
N ILE A 235 -18.95 -0.15 -18.63
CA ILE A 235 -18.58 1.21 -19.07
C ILE A 235 -18.77 1.24 -20.59
N VAL A 236 -19.37 2.31 -21.10
CA VAL A 236 -19.45 2.51 -22.56
C VAL A 236 -18.09 3.00 -23.07
N TYR A 237 -17.52 2.26 -24.02
CA TYR A 237 -16.14 2.52 -24.43
C TYR A 237 -15.96 1.99 -25.85
N LYS A 238 -15.35 2.81 -26.69
CA LYS A 238 -15.07 2.38 -28.10
C LYS A 238 -16.34 1.89 -28.81
N ASP A 239 -17.43 2.62 -28.58
CA ASP A 239 -18.74 2.36 -29.19
C ASP A 239 -19.45 1.11 -28.66
N LYS A 240 -18.85 0.47 -27.66
CA LYS A 240 -19.32 -0.82 -27.20
C LYS A 240 -19.56 -0.80 -25.70
N ILE A 241 -20.09 -1.91 -25.18
CA ILE A 241 -20.22 -2.06 -23.71
C ILE A 241 -19.06 -2.91 -23.27
N TYR A 242 -18.18 -2.29 -22.48
CA TYR A 242 -17.08 -3.01 -21.83
C TYR A 242 -17.48 -3.36 -20.40
N LEU A 243 -17.73 -4.65 -20.15
CA LEU A 243 -18.19 -5.06 -18.82
C LEU A 243 -17.07 -5.87 -18.16
N TYR A 244 -16.62 -5.39 -17.00
CA TYR A 244 -15.52 -6.05 -16.30
C TYR A 244 -16.08 -6.85 -15.17
N TYR A 245 -15.43 -7.94 -14.82
CA TYR A 245 -15.93 -8.79 -13.76
C TYR A 245 -14.77 -9.48 -13.03
N LYS A 246 -15.08 -10.13 -11.91
CA LYS A 246 -14.02 -10.84 -11.15
C LYS A 246 -14.42 -12.29 -11.09
N SER A 247 -13.46 -13.20 -10.97
CA SER A 247 -13.80 -14.60 -10.72
C SER A 247 -12.86 -15.17 -9.67
N ASP A 248 -13.39 -16.06 -8.83
CA ASP A 248 -12.59 -16.77 -7.82
C ASP A 248 -12.12 -18.06 -8.48
N PHE A 249 -10.83 -18.34 -8.42
CA PHE A 249 -10.32 -19.61 -8.95
C PHE A 249 -9.20 -20.19 -8.09
N ASP A 250 -8.54 -21.23 -8.64
CA ASP A 250 -7.50 -21.95 -7.91
C ASP A 250 -8.05 -22.46 -6.58
N GLY A 251 -7.35 -22.27 -5.48
CA GLY A 251 -7.79 -22.81 -4.19
C GLY A 251 -6.71 -23.44 -3.34
N ASP A 252 -5.52 -23.65 -3.92
CA ASP A 252 -4.42 -24.34 -3.22
C ASP A 252 -3.10 -23.63 -3.41
N PRO A 253 -2.61 -22.95 -2.37
CA PRO A 253 -3.13 -22.94 -0.96
C PRO A 253 -4.41 -22.17 -0.68
N ASN A 254 -4.71 -21.16 -1.49
CA ASN A 254 -5.89 -20.35 -1.26
C ASN A 254 -6.54 -20.01 -2.60
N LEU A 255 -7.77 -19.50 -2.53
CA LEU A 255 -8.37 -18.93 -3.71
C LEU A 255 -7.49 -17.84 -4.30
N VAL A 256 -7.58 -17.72 -5.62
CA VAL A 256 -7.02 -16.59 -6.35
C VAL A 256 -8.19 -15.76 -6.94
N ARG A 257 -8.10 -14.44 -6.89
CA ARG A 257 -9.07 -13.58 -7.57
C ARG A 257 -8.39 -12.78 -8.63
N MET A 258 -8.94 -12.77 -9.85
CA MET A 258 -8.48 -11.86 -10.88
C MET A 258 -9.67 -11.30 -11.67
N GLN A 259 -9.42 -10.35 -12.57
CA GLN A 259 -10.51 -9.62 -13.20
C GLN A 259 -10.48 -9.83 -14.70
N GLY A 260 -11.64 -9.97 -15.27
CA GLY A 260 -11.79 -10.17 -16.71
C GLY A 260 -12.68 -9.16 -17.37
N LEU A 261 -12.77 -9.30 -18.69
CA LEU A 261 -13.54 -8.37 -19.53
C LEU A 261 -14.42 -9.13 -20.50
N ALA A 262 -15.66 -8.65 -20.70
CA ALA A 262 -16.50 -9.08 -21.85
C ALA A 262 -17.11 -7.87 -22.53
N ILE A 263 -17.27 -7.95 -23.86
CA ILE A 263 -17.64 -6.80 -24.64
C ILE A 263 -18.89 -7.13 -25.44
N ALA A 264 -19.81 -6.15 -25.55
CA ALA A 264 -21.06 -6.34 -26.30
C ALA A 264 -21.44 -5.14 -27.14
N ASP A 265 -22.17 -5.41 -28.23
CA ASP A 265 -22.78 -4.37 -29.05
C ASP A 265 -24.18 -3.93 -28.58
N ASN A 266 -24.82 -4.77 -27.79
CA ASN A 266 -26.17 -4.48 -27.27
C ASN A 266 -26.17 -4.90 -25.81
N PRO A 267 -26.93 -4.21 -24.95
CA PRO A 267 -26.86 -4.53 -23.51
C PRO A 267 -27.32 -5.92 -23.05
N LEU A 268 -28.15 -6.56 -23.87
CA LEU A 268 -28.57 -7.91 -23.59
C LEU A 268 -27.68 -8.98 -24.25
N GLY A 269 -26.56 -8.52 -24.82
CA GLY A 269 -25.56 -9.42 -25.41
C GLY A 269 -25.72 -9.54 -26.92
N PRO A 270 -24.97 -10.50 -27.50
CA PRO A 270 -24.03 -11.41 -26.85
C PRO A 270 -22.74 -10.72 -26.34
N PHE A 271 -22.35 -11.06 -25.12
CA PHE A 271 -21.08 -10.60 -24.61
C PHE A 271 -20.01 -11.58 -25.01
N LYS A 272 -18.92 -11.04 -25.54
CA LYS A 272 -17.76 -11.86 -25.91
C LYS A 272 -16.61 -11.57 -24.97
N LYS A 273 -16.18 -12.61 -24.25
CA LYS A 273 -15.06 -12.48 -23.31
C LYS A 273 -13.74 -12.16 -24.04
N SER A 274 -12.92 -11.31 -23.43
CA SER A 274 -11.54 -11.14 -23.99
C SER A 274 -10.75 -12.45 -23.99
N PRO A 275 -10.09 -12.79 -25.13
CA PRO A 275 -9.22 -13.94 -25.11
C PRO A 275 -8.01 -13.74 -24.21
N LEU A 276 -7.75 -12.52 -23.80
CA LEU A 276 -6.68 -12.21 -22.87
C LEU A 276 -7.10 -12.17 -21.39
N ASN A 277 -8.32 -12.57 -21.05
CA ASN A 277 -8.65 -12.67 -19.63
C ASN A 277 -7.75 -13.67 -18.89
N PRO A 278 -7.39 -13.42 -17.63
CA PRO A 278 -7.70 -12.20 -16.85
C PRO A 278 -6.89 -10.99 -17.34
N VAL A 279 -7.54 -9.82 -17.39
CA VAL A 279 -6.90 -8.53 -17.77
C VAL A 279 -6.24 -7.81 -16.57
N ILE A 280 -6.66 -8.14 -15.36
CA ILE A 280 -6.03 -7.56 -14.14
C ILE A 280 -5.65 -8.70 -13.20
N ASN A 281 -4.38 -8.72 -12.77
CA ASN A 281 -3.78 -9.89 -12.13
C ASN A 281 -3.96 -9.93 -10.62
N SER A 282 -4.71 -8.97 -10.09
CA SER A 282 -4.88 -8.83 -8.62
C SER A 282 -6.22 -8.15 -8.39
N GLY A 283 -6.42 -7.69 -7.18
CA GLY A 283 -7.65 -7.03 -6.82
C GLY A 283 -8.76 -7.94 -6.30
N HIS A 284 -9.95 -7.35 -6.22
CA HIS A 284 -11.09 -8.11 -5.80
C HIS A 284 -12.30 -7.58 -6.60
N GLU A 285 -13.20 -6.87 -5.94
CA GLU A 285 -14.31 -6.25 -6.68
C GLU A 285 -13.79 -5.26 -7.73
N THR A 286 -14.36 -5.27 -8.92
CA THR A 286 -14.00 -4.35 -9.96
C THR A 286 -14.52 -2.93 -9.74
N THR A 287 -13.68 -1.95 -10.02
CA THR A 287 -14.11 -0.56 -10.16
C THR A 287 -13.21 0.09 -11.23
N LEU A 288 -13.85 0.59 -12.29
CA LEU A 288 -13.13 1.20 -13.41
C LEU A 288 -13.76 2.51 -13.85
N PHE A 289 -13.03 3.27 -14.66
CA PHE A 289 -13.59 4.48 -15.26
C PHE A 289 -12.80 4.89 -16.48
N PRO A 290 -13.46 5.48 -17.48
CA PRO A 290 -12.69 5.97 -18.64
C PRO A 290 -11.72 7.06 -18.19
N PHE A 291 -10.50 7.03 -18.68
CA PHE A 291 -9.53 8.02 -18.30
C PHE A 291 -8.63 8.29 -19.51
N LYS A 292 -8.55 9.53 -19.94
CA LYS A 292 -7.89 9.84 -21.20
C LYS A 292 -8.50 8.95 -22.29
N GLU A 293 -7.70 8.39 -23.17
CA GLU A 293 -8.20 7.47 -24.18
C GLU A 293 -8.37 6.05 -23.69
N GLY A 294 -7.98 5.82 -22.45
CA GLY A 294 -7.97 4.49 -21.87
C GLY A 294 -8.92 4.25 -20.70
N MET A 295 -8.53 3.32 -19.86
CA MET A 295 -9.43 2.89 -18.78
C MET A 295 -8.61 2.77 -17.52
N ALA A 296 -9.08 3.37 -16.43
CA ALA A 296 -8.38 3.19 -15.13
C ALA A 296 -9.14 2.21 -14.25
N ALA A 297 -8.43 1.60 -13.32
CA ALA A 297 -9.03 0.57 -12.48
C ALA A 297 -8.51 0.66 -11.04
N LEU A 298 -9.38 0.42 -10.06
CA LEU A 298 -8.91 0.33 -8.70
C LEU A 298 -8.66 -1.15 -8.42
N VAL A 299 -7.49 -1.47 -7.90
CA VAL A 299 -7.04 -2.85 -7.75
C VAL A 299 -6.79 -3.07 -6.27
N ILE A 300 -7.79 -3.63 -5.59
CA ILE A 300 -7.88 -3.58 -4.12
C ILE A 300 -7.68 -4.92 -3.41
N ARG A 301 -7.14 -4.82 -2.18
N ARG A 301 -7.18 -4.84 -2.17
CA ARG A 301 -7.04 -5.91 -1.18
CA ARG A 301 -7.15 -5.94 -1.17
C ARG A 301 -6.12 -7.08 -1.48
C ARG A 301 -6.20 -7.09 -1.44
N ASP A 302 -6.41 -7.79 -2.56
CA ASP A 302 -5.76 -9.10 -2.80
C ASP A 302 -4.85 -9.12 -4.00
N GLY A 303 -3.99 -10.14 -4.07
CA GLY A 303 -3.07 -10.34 -5.20
C GLY A 303 -1.79 -9.52 -5.01
N THR A 304 -0.80 -9.81 -5.85
CA THR A 304 0.46 -9.12 -5.73
C THR A 304 0.34 -7.61 -5.90
N GLU A 305 -0.58 -7.18 -6.75
CA GLU A 305 -0.71 -5.75 -7.05
C GLU A 305 -1.92 -5.12 -6.37
N HIS A 306 -2.27 -5.65 -5.19
CA HIS A 306 -3.22 -4.92 -4.37
C HIS A 306 -2.73 -3.52 -4.05
N ASN A 307 -3.69 -2.64 -3.78
CA ASN A 307 -3.37 -1.27 -3.41
C ASN A 307 -2.74 -0.50 -4.53
N THR A 308 -3.18 -0.78 -5.77
CA THR A 308 -2.77 0.04 -6.88
C THR A 308 -3.97 0.63 -7.61
N VAL A 309 -3.73 1.77 -8.27
CA VAL A 309 -4.59 2.21 -9.37
C VAL A 309 -3.86 1.78 -10.63
N GLN A 310 -4.61 1.24 -11.59
CA GLN A 310 -4.00 0.73 -12.82
C GLN A 310 -4.62 1.40 -14.05
N TYR A 311 -3.94 1.32 -15.19
CA TYR A 311 -4.42 2.01 -16.37
C TYR A 311 -4.08 1.20 -17.59
N ALA A 312 -5.05 1.10 -18.50
CA ALA A 312 -4.86 0.42 -19.80
C ALA A 312 -5.22 1.42 -20.89
N GLU A 313 -4.29 1.65 -21.83
CA GLU A 313 -4.60 2.53 -22.94
C GLU A 313 -5.75 2.08 -23.81
N ASP A 314 -6.01 0.77 -23.78
CA ASP A 314 -6.99 0.13 -24.67
C ASP A 314 -8.07 -0.60 -23.88
N GLY A 315 -8.09 -0.37 -22.56
CA GLY A 315 -9.02 -1.13 -21.71
C GLY A 315 -8.75 -2.62 -21.47
N VAL A 316 -7.61 -3.12 -21.97
CA VAL A 316 -7.29 -4.55 -21.90
C VAL A 316 -5.94 -4.82 -21.25
N ASN A 317 -4.93 -4.03 -21.65
CA ASN A 317 -3.54 -4.20 -21.17
C ASN A 317 -3.20 -3.18 -20.07
N PHE A 318 -3.33 -3.64 -18.83
CA PHE A 318 -3.24 -2.80 -17.63
C PHE A 318 -1.86 -2.80 -17.01
N ASN A 319 -1.44 -1.59 -16.64
CA ASN A 319 -0.18 -1.35 -15.98
C ASN A 319 -0.39 -0.62 -14.67
N ILE A 320 0.57 -0.74 -13.78
CA ILE A 320 0.46 -0.06 -12.48
C ILE A 320 0.65 1.43 -12.70
N ALA A 321 -0.35 2.21 -12.28
CA ALA A 321 -0.25 3.68 -12.42
C ALA A 321 0.13 4.39 -11.14
N SER A 322 -0.23 3.81 -9.99
CA SER A 322 0.14 4.39 -8.69
C SER A 322 -0.02 3.32 -7.61
N ILE A 323 0.55 3.59 -6.43
CA ILE A 323 0.43 2.73 -5.26
C ILE A 323 -0.21 3.60 -4.18
N VAL A 324 -1.31 3.12 -3.60
CA VAL A 324 -2.15 3.99 -2.77
C VAL A 324 -2.52 3.22 -1.50
N GLU A 325 -3.09 3.89 -0.52
N GLU A 325 -3.08 3.95 -0.54
CA GLU A 325 -3.46 3.14 0.66
CA GLU A 325 -3.41 3.46 0.79
C GLU A 325 -4.87 3.48 1.06
C GLU A 325 -4.92 3.51 1.04
N PHE A 326 -5.43 2.59 1.87
CA PHE A 326 -6.82 2.75 2.42
C PHE A 326 -7.83 2.93 1.29
N MET A 327 -7.72 2.03 0.32
CA MET A 327 -8.62 2.06 -0.86
C MET A 327 -10.04 1.71 -0.45
N PRO A 328 -11.01 2.25 -1.19
CA PRO A 328 -12.41 1.88 -0.88
C PRO A 328 -12.66 0.42 -1.28
N ASN A 329 -13.63 -0.22 -0.61
CA ASN A 329 -14.01 -1.57 -0.97
C ASN A 329 -15.23 -1.51 -1.91
N ALA A 330 -15.14 -2.18 -3.05
CA ALA A 330 -16.27 -2.24 -3.94
C ALA A 330 -16.83 -0.89 -4.34
N ALA A 331 -15.94 0.05 -4.65
CA ALA A 331 -16.36 1.38 -4.98
C ALA A 331 -17.37 1.46 -6.13
N GLY A 332 -18.37 2.31 -5.92
CA GLY A 332 -19.28 2.74 -6.93
C GLY A 332 -19.16 4.25 -7.07
N PRO A 333 -18.21 4.61 -8.02
CA PRO A 333 -18.00 6.06 -8.17
C PRO A 333 -19.10 6.77 -8.94
N TYR A 334 -19.18 8.07 -8.79
CA TYR A 334 -19.91 8.88 -9.76
C TYR A 334 -19.02 9.09 -10.98
N VAL A 335 -19.42 8.42 -12.06
CA VAL A 335 -18.61 8.49 -13.30
C VAL A 335 -19.50 9.21 -14.31
N ALA A 336 -19.31 10.53 -14.43
CA ALA A 336 -20.26 11.36 -15.23
C ALA A 336 -20.23 10.93 -16.69
N ASP A 337 -19.08 10.41 -17.11
CA ASP A 337 -18.86 9.97 -18.51
C ASP A 337 -18.81 8.45 -18.68
N ALA A 338 -19.51 7.71 -17.81
CA ALA A 338 -19.59 6.27 -17.93
C ALA A 338 -20.34 5.82 -19.18
N PHE A 339 -21.35 6.60 -19.62
CA PHE A 339 -22.27 6.12 -20.69
C PHE A 339 -22.27 6.98 -21.96
N THR A 340 -21.42 8.01 -21.97
CA THR A 340 -21.47 9.00 -23.04
C THR A 340 -20.65 8.58 -24.24
N ASN A 341 -19.93 7.46 -24.15
CA ASN A 341 -19.04 6.97 -25.21
C ASN A 341 -17.94 8.02 -25.38
N THR A 342 -17.42 8.49 -24.26
CA THR A 342 -16.40 9.54 -24.31
C THR A 342 -15.14 9.19 -25.08
N LYS A 343 -14.55 10.19 -25.74
CA LYS A 343 -13.25 9.93 -26.36
C LYS A 343 -12.09 10.36 -25.50
N TYR A 344 -12.39 10.94 -24.33
CA TYR A 344 -11.34 11.34 -23.43
C TYR A 344 -11.92 11.44 -22.02
N GLY A 345 -11.67 10.38 -21.24
CA GLY A 345 -12.30 10.28 -19.90
C GLY A 345 -11.67 11.20 -18.88
N ARG A 346 -12.51 11.78 -18.00
CA ARG A 346 -12.06 12.78 -17.02
C ARG A 346 -11.65 12.21 -15.64
N GLY A 347 -12.13 11.03 -15.30
CA GLY A 347 -11.80 10.39 -13.99
C GLY A 347 -12.83 10.73 -12.92
N ILE A 348 -12.51 10.41 -11.68
CA ILE A 348 -13.50 10.39 -10.60
C ILE A 348 -12.98 11.15 -9.39
N SER A 349 -13.92 11.55 -8.53
CA SER A 349 -13.51 12.17 -7.26
C SER A 349 -14.39 11.77 -6.08
N TRP A 350 -15.55 11.13 -6.30
CA TRP A 350 -16.26 10.58 -5.16
C TRP A 350 -17.13 9.39 -5.55
N GLY A 351 -17.62 8.69 -4.52
CA GLY A 351 -18.65 7.72 -4.74
C GLY A 351 -19.03 7.02 -3.47
N ILE A 352 -19.65 5.86 -3.63
CA ILE A 352 -20.11 5.11 -2.47
C ILE A 352 -19.26 3.82 -2.42
N SER A 353 -19.00 3.31 -1.23
CA SER A 353 -18.24 2.05 -1.09
C SER A 353 -18.80 1.31 0.14
N HIS A 354 -18.17 0.23 0.55
CA HIS A 354 -18.65 -0.51 1.74
C HIS A 354 -17.61 -0.94 2.71
N PHE A 355 -18.08 -1.24 3.93
CA PHE A 355 -17.25 -1.83 4.94
C PHE A 355 -17.96 -3.08 5.40
N THR A 356 -17.28 -4.23 5.30
CA THR A 356 -17.89 -5.53 5.68
C THR A 356 -17.62 -5.84 7.14
N ASN A 357 -18.41 -6.75 7.69
CA ASN A 357 -18.35 -7.14 9.11
C ASN A 357 -18.22 -5.91 9.99
N ALA A 358 -19.21 -5.05 9.87
CA ALA A 358 -19.22 -3.77 10.51
C ALA A 358 -19.16 -3.82 12.03
N THR A 359 -19.70 -4.89 12.61
CA THR A 359 -19.61 -5.17 14.06
C THR A 359 -18.87 -6.48 14.38
N THR A 360 -19.56 -7.59 14.55
CA THR A 360 -18.93 -8.89 14.77
C THR A 360 -19.49 -9.96 13.87
N TRP A 361 -18.73 -11.04 13.68
CA TRP A 361 -19.10 -12.09 12.74
C TRP A 361 -20.40 -12.78 13.07
N ASP A 362 -20.76 -12.81 14.35
CA ASP A 362 -22.02 -13.48 14.71
C ASP A 362 -23.23 -12.60 14.40
N GLN A 363 -22.97 -11.32 14.13
CA GLN A 363 -23.97 -10.39 13.63
C GLN A 363 -23.42 -9.78 12.33
N ASN A 364 -23.02 -10.65 11.42
CA ASN A 364 -22.28 -10.26 10.21
C ASN A 364 -23.15 -9.40 9.31
N HIS A 365 -22.71 -8.18 9.02
CA HIS A 365 -23.39 -7.31 8.05
C HIS A 365 -22.42 -6.24 7.56
N ALA A 366 -22.72 -5.65 6.40
CA ALA A 366 -21.97 -4.54 5.88
C ALA A 366 -22.73 -3.24 5.94
N VAL A 367 -22.00 -2.11 5.86
CA VAL A 367 -22.60 -0.78 5.71
C VAL A 367 -22.09 -0.07 4.46
N LEU A 368 -22.90 0.82 3.90
CA LEU A 368 -22.45 1.72 2.84
C LEU A 368 -21.74 2.93 3.47
N ALA A 369 -20.73 3.42 2.75
CA ALA A 369 -19.98 4.63 3.12
C ALA A 369 -19.73 5.52 1.93
N ARG A 370 -19.40 6.79 2.17
CA ARG A 370 -18.94 7.67 1.11
C ARG A 370 -17.41 7.73 1.09
N PHE A 371 -16.83 7.66 -0.10
CA PHE A 371 -15.40 8.06 -0.26
C PHE A 371 -15.25 9.28 -1.16
N ASP A 372 -14.17 10.06 -0.91
CA ASP A 372 -13.76 11.19 -1.76
C ASP A 372 -12.27 11.05 -2.05
N CYS A 373 -11.89 11.45 -3.26
CA CYS A 373 -10.48 11.31 -3.71
C CYS A 373 -10.22 12.33 -4.79
N ASP A 374 -9.01 12.31 -5.36
CA ASP A 374 -8.79 13.01 -6.60
C ASP A 374 -8.10 12.08 -7.59
N LEU A 375 -8.92 11.39 -8.38
CA LEU A 375 -8.46 10.69 -9.58
C LEU A 375 -9.08 11.35 -10.78
N SER A 376 -9.04 12.70 -10.78
CA SER A 376 -9.81 13.46 -11.79
C SER A 376 -8.92 14.48 -12.47
N LEU A 377 -9.06 14.60 -13.78
CA LEU A 377 -8.39 15.71 -14.52
C LEU A 377 -8.99 17.09 -14.17
N ASP A 378 -10.13 17.09 -13.51
CA ASP A 378 -10.89 18.30 -13.24
C ASP A 378 -10.90 18.66 -11.77
N VAL A 379 -10.07 17.99 -10.97
CA VAL A 379 -9.94 18.31 -9.53
C VAL A 379 -8.46 18.43 -9.22
N ASP A 380 -8.09 19.43 -8.43
CA ASP A 380 -6.70 19.65 -8.06
C ASP A 380 -6.66 20.00 -6.58
N ASP A 381 -6.37 19.02 -5.72
CA ASP A 381 -6.34 19.24 -4.30
C ASP A 381 -5.12 18.56 -3.70
N PRO A 382 -4.03 19.31 -3.50
CA PRO A 382 -2.84 18.75 -2.87
C PRO A 382 -3.09 18.03 -1.53
N HIS A 383 -4.16 18.39 -0.82
CA HIS A 383 -4.52 17.70 0.43
C HIS A 383 -5.24 16.35 0.20
N MET A 384 -5.41 15.97 -1.06
CA MET A 384 -5.78 14.58 -1.41
C MET A 384 -4.56 13.81 -1.87
N LYS A 385 -3.38 14.42 -1.76
CA LYS A 385 -2.20 13.85 -2.42
C LYS A 385 -1.02 13.69 -1.44
N ARG A 386 -1.27 13.73 -0.14
CA ARG A 386 -0.20 13.41 0.83
C ARG A 386 0.16 11.94 0.66
N LEU A 387 1.36 11.59 1.14
CA LEU A 387 1.98 10.33 0.82
C LEU A 387 1.57 9.16 1.71
N GLY A 388 0.89 9.44 2.83
CA GLY A 388 0.48 8.39 3.76
C GLY A 388 -0.25 9.05 4.91
N THR A 389 -0.88 8.20 5.75
CA THR A 389 -1.58 8.66 6.93
C THR A 389 -0.99 7.83 8.06
N TYR A 390 -0.57 8.50 9.13
CA TYR A 390 0.20 7.81 10.17
C TYR A 390 -0.47 7.94 11.53
N PHE A 391 -0.13 7.03 12.42
CA PHE A 391 -0.91 6.88 13.66
C PHE A 391 0.04 6.79 14.84
N LYS A 392 -0.56 6.71 16.01
CA LYS A 392 0.23 6.72 17.25
C LYS A 392 0.66 5.30 17.55
N PRO A 393 1.67 5.14 18.42
CA PRO A 393 2.23 3.83 18.66
C PRO A 393 1.18 2.77 19.06
N GLU A 394 0.19 3.14 19.87
CA GLU A 394 -0.83 2.22 20.38
C GLU A 394 -1.53 1.54 19.20
N PHE A 395 -1.78 2.30 18.14
CA PHE A 395 -2.38 1.73 16.94
C PHE A 395 -1.56 0.57 16.38
N TYR A 396 -0.24 0.77 16.22
CA TYR A 396 0.61 -0.26 15.70
C TYR A 396 0.71 -1.51 16.58
N TYR A 397 0.61 -1.28 17.89
CA TYR A 397 0.76 -2.39 18.83
C TYR A 397 -0.41 -3.37 18.74
N GLN A 398 -1.55 -2.87 18.27
CA GLN A 398 -2.71 -3.72 18.00
C GLN A 398 -2.46 -4.69 16.84
N MET A 399 -1.46 -4.42 16.01
CA MET A 399 -1.09 -5.42 15.01
C MET A 399 0.07 -6.20 15.57
N GLY A 400 -0.22 -6.90 16.67
CA GLY A 400 0.80 -7.60 17.42
C GLY A 400 1.02 -9.03 17.00
N LEU A 401 1.86 -9.73 17.75
CA LEU A 401 2.17 -11.11 17.50
C LEU A 401 1.14 -12.00 18.20
N SER A 402 0.81 -13.13 17.56
CA SER A 402 -0.11 -14.10 18.16
C SER A 402 0.61 -14.84 19.28
N LYS A 403 -0.04 -15.85 19.86
CA LYS A 403 0.59 -16.71 20.86
C LYS A 403 1.57 -17.65 20.18
N LYS A 404 1.11 -18.26 19.08
CA LYS A 404 1.90 -19.21 18.27
C LYS A 404 3.16 -18.57 17.67
N GLN A 405 3.03 -17.34 17.17
CA GLN A 405 4.17 -16.56 16.65
C GLN A 405 5.25 -16.26 17.72
N ARG A 406 4.83 -15.66 18.85
CA ARG A 406 5.73 -15.38 19.99
C ARG A 406 6.44 -16.65 20.48
N GLU A 407 5.71 -17.77 20.52
CA GLU A 407 6.29 -19.08 20.83
C GLU A 407 7.32 -19.54 19.79
N ARG A 408 7.02 -19.30 18.52
CA ARG A 408 7.96 -19.59 17.44
C ARG A 408 9.29 -18.82 17.62
N ILE A 409 9.19 -17.60 18.17
CA ILE A 409 10.33 -16.76 18.64
C ILE A 409 10.13 -15.29 18.24
N GLN B 26 -16.77 -17.51 -24.75
CA GLN B 26 -16.38 -18.54 -25.77
C GLN B 26 -14.87 -18.73 -26.18
N PRO B 27 -13.97 -17.71 -25.99
CA PRO B 27 -12.56 -18.16 -26.21
C PRO B 27 -12.11 -19.25 -25.20
N GLU B 28 -11.17 -20.13 -25.58
CA GLU B 28 -10.60 -21.11 -24.63
C GLU B 28 -9.99 -20.34 -23.46
N GLY B 29 -10.38 -20.66 -22.23
CA GLY B 29 -10.08 -19.81 -21.10
C GLY B 29 -8.80 -20.15 -20.35
N PHE B 30 -8.26 -19.14 -19.68
CA PHE B 30 -7.17 -19.34 -18.75
C PHE B 30 -7.59 -20.44 -17.77
N PRO B 31 -6.64 -21.32 -17.39
CA PRO B 31 -7.00 -22.47 -16.56
C PRO B 31 -7.42 -22.13 -15.13
N PHE B 32 -8.26 -22.98 -14.55
CA PHE B 32 -8.71 -22.83 -13.15
C PHE B 32 -7.62 -22.99 -12.10
N ILE B 33 -6.64 -23.86 -12.38
CA ILE B 33 -5.52 -24.01 -11.48
C ILE B 33 -4.44 -23.04 -11.97
N LEU B 34 -4.00 -22.15 -11.07
CA LEU B 34 -3.03 -21.12 -11.42
C LEU B 34 -1.70 -21.84 -11.72
N PRO B 35 -1.20 -21.72 -12.94
CA PRO B 35 0.08 -22.40 -13.21
C PRO B 35 1.26 -21.80 -12.41
N LYS B 36 2.18 -22.67 -11.99
CA LYS B 36 3.39 -22.23 -11.31
C LYS B 36 4.37 -21.46 -12.19
N GLU B 37 4.38 -21.76 -13.48
CA GLU B 37 5.22 -21.03 -14.44
C GLU B 37 4.33 -20.44 -15.49
N LYS B 38 4.83 -19.46 -16.24
CA LYS B 38 4.00 -18.76 -17.24
C LYS B 38 3.52 -19.70 -18.32
N PRO B 39 2.19 -19.77 -18.55
CA PRO B 39 1.73 -20.72 -19.55
C PRO B 39 1.93 -20.21 -20.96
N ASN B 40 2.09 -21.15 -21.88
CA ASN B 40 2.30 -20.81 -23.28
C ASN B 40 0.95 -20.63 -23.98
N ARG B 41 0.44 -19.40 -23.91
CA ARG B 41 -0.85 -19.03 -24.47
C ARG B 41 -0.83 -17.49 -24.59
N PRO B 42 -1.73 -16.91 -25.40
CA PRO B 42 -1.77 -15.43 -25.37
C PRO B 42 -2.17 -14.94 -23.96
N LEU B 43 -1.47 -13.92 -23.46
CA LEU B 43 -1.74 -13.43 -22.11
C LEU B 43 -1.87 -11.90 -22.16
N SER B 44 -2.68 -11.33 -21.27
CA SER B 44 -2.77 -9.88 -21.17
C SER B 44 -1.44 -9.37 -20.63
N ALA B 45 -1.20 -8.08 -20.78
CA ALA B 45 0.00 -7.48 -20.22
C ALA B 45 0.07 -7.74 -18.71
N ALA B 46 -1.06 -7.64 -17.99
CA ALA B 46 -1.02 -7.85 -16.56
C ALA B 46 -0.70 -9.31 -16.21
N MET B 47 -1.24 -10.28 -16.97
CA MET B 47 -0.92 -11.69 -16.64
C MET B 47 0.55 -12.00 -16.96
N GLN B 48 1.04 -11.48 -18.07
CA GLN B 48 2.49 -11.59 -18.36
C GLN B 48 3.34 -11.05 -17.23
N ARG B 49 3.00 -9.86 -16.72
CA ARG B 49 3.76 -9.24 -15.65
C ARG B 49 3.69 -10.03 -14.33
N ASN B 50 2.54 -10.67 -14.09
CA ASN B 50 2.36 -11.48 -12.91
C ASN B 50 3.41 -12.60 -12.80
N TYR B 51 3.82 -13.09 -13.97
CA TYR B 51 4.82 -14.15 -14.05
C TYR B 51 6.23 -13.58 -14.23
N ASP B 52 6.36 -12.56 -15.08
CA ASP B 52 7.69 -12.04 -15.48
C ASP B 52 8.37 -11.19 -14.42
N ASN B 53 7.60 -10.46 -13.61
CA ASN B 53 8.16 -9.41 -12.75
C ASN B 53 8.36 -9.76 -11.31
N TYR B 54 7.79 -10.87 -10.86
CA TYR B 54 7.84 -11.23 -9.45
C TYR B 54 8.44 -12.64 -9.25
N MET B 55 8.83 -12.90 -8.01
CA MET B 55 9.47 -14.18 -7.69
C MET B 55 8.47 -15.32 -7.74
N ALA B 56 7.16 -14.99 -7.73
CA ALA B 56 6.12 -16.00 -7.82
C ALA B 56 4.84 -15.32 -8.35
N PRO B 57 3.94 -16.11 -8.96
CA PRO B 57 2.71 -15.57 -9.50
C PRO B 57 1.56 -15.41 -8.47
N ARG B 58 1.90 -15.46 -7.19
CA ARG B 58 0.96 -15.26 -6.09
C ARG B 58 1.69 -14.90 -4.79
N PRO B 59 1.03 -14.13 -3.88
CA PRO B 59 1.71 -13.66 -2.66
C PRO B 59 2.19 -14.76 -1.72
N GLU B 60 1.45 -15.86 -1.64
CA GLU B 60 1.83 -16.92 -0.69
C GLU B 60 3.21 -17.49 -0.96
N ASN B 61 3.65 -17.56 -2.22
CA ASN B 61 4.99 -18.08 -2.58
C ASN B 61 6.02 -16.99 -2.90
N ASN B 62 5.66 -15.74 -2.61
CA ASN B 62 6.56 -14.61 -2.86
C ASN B 62 7.37 -14.34 -1.60
N GLU B 63 8.64 -14.78 -1.58
CA GLU B 63 9.47 -14.60 -0.40
C GLU B 63 9.66 -13.16 0.05
N LEU B 64 9.44 -12.21 -0.87
CA LEU B 64 9.52 -10.79 -0.51
C LEU B 64 8.20 -10.09 -0.22
N TYR B 65 7.09 -10.85 -0.18
CA TYR B 65 5.84 -10.30 0.37
C TYR B 65 5.72 -10.65 1.85
N THR B 66 5.36 -9.67 2.67
CA THR B 66 5.10 -9.85 4.10
C THR B 66 4.15 -8.80 4.67
N GLN B 67 3.53 -9.16 5.80
CA GLN B 67 3.01 -8.18 6.71
C GLN B 67 4.01 -7.86 7.82
N PHE B 68 3.72 -6.82 8.59
CA PHE B 68 4.58 -6.36 9.68
C PHE B 68 3.77 -6.32 10.98
N LYS B 69 4.34 -6.94 12.02
CA LYS B 69 3.73 -6.90 13.35
C LYS B 69 4.62 -6.14 14.33
N TYR B 70 4.01 -5.37 15.22
CA TYR B 70 4.69 -4.46 16.13
C TYR B 70 4.52 -4.87 17.59
N THR B 71 5.60 -4.72 18.36
CA THR B 71 5.64 -5.11 19.78
C THR B 71 6.31 -3.98 20.52
N GLU B 72 5.65 -3.55 21.59
CA GLU B 72 6.17 -2.53 22.47
C GLU B 72 7.38 -3.08 23.22
N LEU B 73 8.48 -2.33 23.15
CA LEU B 73 9.72 -2.72 23.80
C LEU B 73 9.67 -2.44 25.29
N LYS B 74 10.44 -3.23 26.03
CA LYS B 74 10.65 -2.98 27.44
C LYS B 74 12.11 -2.58 27.67
N GLY B 75 12.29 -1.51 28.43
CA GLY B 75 13.64 -1.09 28.82
C GLY B 75 13.98 0.37 28.74
N PHE B 76 13.15 1.13 28.04
CA PHE B 76 13.44 2.53 27.78
C PHE B 76 12.48 3.47 28.47
N ASP B 77 13.02 4.38 29.27
CA ASP B 77 12.22 5.46 29.84
C ASP B 77 12.33 6.72 29.00
N TYR B 78 11.20 7.42 28.89
CA TYR B 78 11.05 8.59 28.04
C TYR B 78 10.49 9.76 28.84
N ASN B 79 10.85 9.82 30.13
CA ASN B 79 10.39 10.90 31.02
C ASN B 79 8.90 11.18 31.01
N GLY B 80 8.10 10.11 31.04
CA GLY B 80 6.64 10.25 30.97
C GLY B 80 6.14 10.80 29.65
N HIS B 81 6.93 10.59 28.60
CA HIS B 81 6.61 11.03 27.23
C HIS B 81 6.29 12.52 27.08
N ASP B 82 7.06 13.37 27.76
CA ASP B 82 6.84 14.80 27.74
C ASP B 82 7.64 15.52 26.63
N GLY B 83 8.47 14.76 25.91
CA GLY B 83 9.18 15.27 24.74
C GLY B 83 10.63 15.62 25.01
N THR B 84 11.06 15.39 26.25
CA THR B 84 12.43 15.75 26.65
C THR B 84 13.36 14.63 26.25
N ILE B 85 12.82 13.41 26.14
CA ILE B 85 13.59 12.26 25.72
C ILE B 85 13.04 11.58 24.44
N SER B 86 13.94 11.37 23.49
CA SER B 86 13.62 10.77 22.19
C SER B 86 14.66 9.73 21.81
N ARG B 87 14.22 8.61 21.26
CA ARG B 87 15.12 7.61 20.68
C ARG B 87 14.60 7.26 19.30
N ARG B 88 15.50 7.23 18.31
CA ARG B 88 15.11 7.01 16.91
C ARG B 88 16.24 6.53 16.01
N ASP B 89 15.86 6.20 14.77
CA ASP B 89 16.78 5.72 13.73
C ASP B 89 17.71 4.62 14.19
N PRO B 90 17.16 3.44 14.57
CA PRO B 90 18.04 2.37 15.04
C PRO B 90 18.99 1.83 13.98
N SER B 91 20.19 1.43 14.41
CA SER B 91 21.09 0.67 13.55
C SER B 91 20.53 -0.70 13.24
N LYS B 92 21.14 -1.42 12.31
CA LYS B 92 20.91 -2.83 12.21
C LYS B 92 21.20 -3.41 13.60
N VAL B 93 20.45 -4.45 14.00
CA VAL B 93 20.74 -5.20 15.23
C VAL B 93 21.83 -6.21 14.90
N ILE B 94 22.83 -6.35 15.79
CA ILE B 94 23.84 -7.36 15.55
C ILE B 94 23.93 -8.27 16.78
N TYR B 95 24.57 -9.43 16.59
CA TYR B 95 24.80 -10.37 17.70
C TYR B 95 26.29 -10.51 18.03
N GLU B 96 26.68 -9.96 19.18
CA GLU B 96 28.06 -10.11 19.71
C GLU B 96 28.10 -10.41 21.20
N ASN B 97 29.10 -11.17 21.65
CA ASN B 97 29.30 -11.41 23.08
C ASN B 97 28.04 -12.03 23.70
N GLY B 98 27.52 -13.07 23.05
CA GLY B 98 26.28 -13.73 23.46
C GLY B 98 25.03 -12.86 23.65
N LYS B 99 24.95 -11.73 22.95
CA LYS B 99 23.79 -10.85 23.09
C LYS B 99 23.55 -9.95 21.85
N TYR B 100 22.37 -9.34 21.82
CA TYR B 100 21.98 -8.44 20.72
C TYR B 100 22.32 -7.01 21.09
N TYR B 101 22.93 -6.29 20.15
CA TYR B 101 23.20 -4.87 20.30
C TYR B 101 22.42 -4.07 19.27
N VAL B 102 21.95 -2.90 19.70
CA VAL B 102 21.44 -1.87 18.78
C VAL B 102 21.88 -0.46 19.20
N TRP B 103 22.26 0.36 18.22
CA TRP B 103 22.58 1.79 18.44
C TRP B 103 21.47 2.67 17.90
N TYR B 104 21.32 3.89 18.43
CA TYR B 104 20.23 4.78 18.04
C TYR B 104 20.50 6.23 18.44
N THR B 105 19.74 7.15 17.85
CA THR B 105 19.80 8.54 18.19
C THR B 105 19.13 8.75 19.53
N TYR B 106 19.84 9.42 20.44
CA TYR B 106 19.34 9.62 21.79
C TYR B 106 19.44 11.08 22.14
N ARG B 107 18.28 11.70 22.36
CA ARG B 107 18.16 13.10 22.77
C ARG B 107 17.62 13.17 24.18
N ASN B 108 18.29 13.96 25.00
CA ASN B 108 17.82 14.26 26.35
C ASN B 108 18.11 15.74 26.67
N THR B 109 17.06 16.54 26.58
CA THR B 109 17.16 17.99 26.65
C THR B 109 16.20 18.56 27.70
N PRO B 110 16.52 19.74 28.25
CA PRO B 110 15.65 20.45 29.19
C PRO B 110 14.25 20.73 28.64
N THR B 111 14.14 20.92 27.34
CA THR B 111 12.87 21.25 26.73
C THR B 111 12.64 20.36 25.49
N PRO B 112 11.37 20.20 25.05
CA PRO B 112 11.22 19.55 23.74
C PRO B 112 11.63 20.48 22.58
N PRO B 113 11.68 19.94 21.34
CA PRO B 113 12.05 20.75 20.18
C PRO B 113 11.17 21.99 20.05
N GLN B 114 11.75 23.09 19.58
CA GLN B 114 11.05 24.36 19.56
C GLN B 114 11.04 25.03 18.20
N GLY B 115 11.68 24.42 17.21
CA GLY B 115 11.74 25.02 15.89
C GLY B 115 13.06 25.73 15.73
N ALA B 116 13.45 25.97 14.48
CA ALA B 116 14.75 26.56 14.18
C ALA B 116 14.93 27.94 14.85
N LYS B 117 13.91 28.81 14.73
CA LYS B 117 13.98 30.19 15.21
C LYS B 117 14.23 30.31 16.72
N ASN B 118 13.68 29.38 17.50
CA ASN B 118 13.81 29.40 18.97
C ASN B 118 14.96 28.56 19.57
N SER B 119 15.70 27.86 18.73
CA SER B 119 16.79 27.00 19.22
C SER B 119 18.01 27.80 19.73
N ASN B 120 18.74 27.21 20.67
CA ASN B 120 20.02 27.76 21.16
C ASN B 120 20.93 26.63 21.66
N ASP B 121 21.85 26.94 22.58
CA ASP B 121 22.87 25.97 23.03
C ASP B 121 22.24 24.78 23.73
N THR B 122 21.08 25.01 24.34
CA THR B 122 20.42 24.01 25.18
C THR B 122 19.07 23.59 24.59
N ILE B 123 18.44 24.48 23.82
CA ILE B 123 17.14 24.24 23.22
C ILE B 123 17.29 23.65 21.80
N PRO B 124 16.77 22.43 21.57
CA PRO B 124 16.91 21.80 20.24
C PRO B 124 15.89 22.37 19.25
N SER B 125 16.25 22.42 17.96
CA SER B 125 15.34 22.95 16.94
C SER B 125 14.39 21.85 16.50
N ALA B 126 14.90 20.61 16.50
CA ALA B 126 14.21 19.46 15.93
C ALA B 126 14.43 18.25 16.82
N ASP B 127 13.68 17.18 16.56
CA ASP B 127 13.78 15.94 17.34
C ASP B 127 15.17 15.30 17.38
N TRP B 128 15.94 15.48 16.30
CA TRP B 128 17.27 14.87 16.18
C TRP B 128 18.41 15.86 16.54
N ASP B 129 18.03 17.05 17.03
CA ASP B 129 19.02 18.10 17.38
C ASP B 129 19.54 17.84 18.79
N LEU B 130 20.76 18.30 19.07
CA LEU B 130 21.41 18.15 20.38
C LEU B 130 21.42 16.72 20.91
N ALA B 131 21.75 15.77 20.05
CA ALA B 131 21.65 14.35 20.38
C ALA B 131 22.98 13.63 20.23
N GLU B 132 23.05 12.43 20.81
CA GLU B 132 24.19 11.53 20.69
C GLU B 132 23.75 10.17 20.19
N ILE B 133 24.73 9.31 19.91
CA ILE B 133 24.47 7.90 19.60
C ILE B 133 24.65 7.10 20.87
N TRP B 134 23.55 6.52 21.32
CA TRP B 134 23.57 5.60 22.45
C TRP B 134 23.42 4.17 21.98
N TYR B 135 23.62 3.21 22.89
CA TYR B 135 23.41 1.80 22.57
C TYR B 135 22.73 0.99 23.66
N ALA B 136 22.27 -0.20 23.28
CA ALA B 136 21.54 -1.07 24.18
C ALA B 136 21.74 -2.53 23.83
N THR B 137 21.50 -3.39 24.82
CA THR B 137 21.73 -4.80 24.68
C THR B 137 20.51 -5.58 25.19
N SER B 138 20.37 -6.78 24.67
CA SER B 138 19.23 -7.63 24.97
C SER B 138 19.57 -9.06 24.72
N LYS B 139 19.00 -9.94 25.55
CA LYS B 139 19.10 -11.38 25.34
C LYS B 139 18.06 -11.89 24.31
N ASP B 140 16.93 -11.18 24.18
CA ASP B 140 15.77 -11.62 23.36
C ASP B 140 15.20 -10.65 22.31
N GLY B 141 15.60 -9.38 22.39
CA GLY B 141 15.14 -8.37 21.45
C GLY B 141 13.82 -7.75 21.82
N PHE B 142 13.24 -8.17 22.98
CA PHE B 142 12.00 -7.58 23.52
C PHE B 142 12.25 -6.73 24.75
N THR B 143 13.16 -7.18 25.63
CA THR B 143 13.61 -6.33 26.74
C THR B 143 15.06 -5.93 26.47
N TRP B 144 15.32 -4.64 26.59
CA TRP B 144 16.64 -4.06 26.24
C TRP B 144 17.30 -3.47 27.47
N GLU B 145 18.60 -3.68 27.63
CA GLU B 145 19.31 -2.99 28.69
C GLU B 145 20.10 -1.81 28.09
N GLU B 146 19.68 -0.58 28.40
CA GLU B 146 20.30 0.61 27.82
C GLU B 146 21.68 0.84 28.44
N GLN B 147 22.74 0.74 27.63
CA GLN B 147 24.12 0.84 28.10
C GLN B 147 24.69 2.26 28.20
N GLY B 148 24.07 3.21 27.50
CA GLY B 148 24.56 4.59 27.49
C GLY B 148 25.30 4.96 26.20
N VAL B 149 26.08 6.03 26.27
CA VAL B 149 26.73 6.61 25.08
C VAL B 149 27.68 5.65 24.37
N ALA B 150 27.64 5.73 23.03
CA ALA B 150 28.65 5.10 22.17
C ALA B 150 29.41 6.23 21.47
N VAL B 151 28.67 7.10 20.78
CA VAL B 151 29.27 8.23 20.08
C VAL B 151 28.80 9.53 20.71
N PRO B 152 29.71 10.20 21.44
CA PRO B 152 29.44 11.51 22.01
C PRO B 152 29.61 12.62 20.99
N ARG B 153 29.00 13.77 21.25
CA ARG B 153 29.23 14.93 20.42
C ARG B 153 30.65 15.47 20.60
N PRO B 154 31.41 15.58 19.49
CA PRO B 154 32.76 16.12 19.65
C PRO B 154 32.69 17.59 20.05
N PRO B 155 33.84 18.16 20.46
CA PRO B 155 33.80 19.57 20.82
C PRO B 155 33.79 20.43 19.56
N LYS B 156 33.06 21.53 19.57
CA LYS B 156 33.03 22.39 18.38
C LYS B 156 34.40 22.98 18.06
N PRO B 157 34.68 23.21 16.77
CA PRO B 157 33.78 23.10 15.62
C PRO B 157 33.91 21.78 14.85
N ASN B 158 34.25 20.69 15.55
CA ASN B 158 34.41 19.37 14.91
C ASN B 158 33.10 18.89 14.28
N VAL B 159 33.18 18.09 13.22
CA VAL B 159 31.96 17.54 12.57
C VAL B 159 31.12 16.79 13.60
N GLY B 160 29.91 17.29 13.82
CA GLY B 160 28.97 16.65 14.73
C GLY B 160 28.82 17.30 16.09
N TRP B 161 29.48 18.43 16.29
CA TRP B 161 29.48 19.13 17.58
C TRP B 161 28.07 19.44 18.07
N ARG B 162 27.15 19.70 17.11
CA ARG B 162 25.78 20.13 17.41
C ARG B 162 24.91 18.93 17.72
N SER B 163 25.20 17.81 17.06
CA SER B 163 24.39 16.58 17.16
C SER B 163 25.00 15.50 16.28
N VAL B 164 25.04 14.28 16.81
CA VAL B 164 25.48 13.10 16.05
C VAL B 164 24.27 12.16 15.99
N THR B 165 23.90 11.73 14.76
CA THR B 165 22.59 11.11 14.51
C THR B 165 22.59 10.01 13.42
N THR B 166 21.60 9.12 13.50
CA THR B 166 21.14 8.36 12.34
C THR B 166 22.16 7.33 11.89
N THR B 167 22.64 6.58 12.89
CA THR B 167 23.81 5.75 12.73
C THR B 167 23.48 4.39 12.20
N ASP B 168 24.48 3.77 11.60
CA ASP B 168 24.41 2.35 11.32
C ASP B 168 25.76 1.65 11.50
N ILE B 169 25.68 0.36 11.80
CA ILE B 169 26.83 -0.44 12.19
C ILE B 169 27.41 -1.32 11.09
N LEU B 170 28.74 -1.44 11.08
CA LEU B 170 29.45 -2.36 10.18
C LEU B 170 30.50 -3.12 11.00
N LYS B 171 30.62 -4.42 10.73
CA LYS B 171 31.74 -5.23 11.20
C LYS B 171 32.65 -5.53 10.04
N TRP B 172 33.93 -5.19 10.20
CA TRP B 172 34.89 -5.39 9.12
C TRP B 172 36.23 -5.85 9.68
N LYS B 173 36.71 -6.98 9.18
CA LYS B 173 37.95 -7.65 9.67
C LYS B 173 38.11 -7.57 11.19
N GLY B 174 37.06 -7.95 11.91
CA GLY B 174 37.12 -8.04 13.37
C GLY B 174 36.95 -6.76 14.13
N LYS B 175 36.79 -5.64 13.42
CA LYS B 175 36.55 -4.38 14.08
C LYS B 175 35.15 -3.83 13.72
N PHE B 176 34.69 -2.90 14.53
CA PHE B 176 33.36 -2.28 14.39
C PHE B 176 33.42 -0.84 13.95
N TYR B 177 32.43 -0.42 13.15
CA TYR B 177 32.40 0.95 12.65
C TYR B 177 30.98 1.43 12.72
N LEU B 178 30.77 2.59 13.34
CA LEU B 178 29.50 3.31 13.28
C LEU B 178 29.57 4.52 12.34
N TYR B 179 28.66 4.57 11.37
CA TYR B 179 28.55 5.77 10.48
C TYR B 179 27.41 6.60 10.93
N TYR B 180 27.53 7.94 10.87
CA TYR B 180 26.49 8.82 11.42
C TYR B 180 26.58 10.23 10.84
N GLN B 181 25.48 10.96 10.96
CA GLN B 181 25.41 12.33 10.51
C GLN B 181 25.97 13.23 11.60
N GLY B 182 26.89 14.12 11.24
CA GLY B 182 27.37 15.09 12.21
C GLY B 182 26.98 16.50 11.92
N PHE B 183 26.00 17.00 12.65
CA PHE B 183 25.51 18.33 12.44
C PHE B 183 26.49 19.41 12.83
N MET B 184 26.54 20.42 11.97
CA MET B 184 27.35 21.62 12.17
C MET B 184 26.65 22.86 12.64
N GLU B 185 25.33 22.85 12.60
CA GLU B 185 24.49 23.84 13.27
C GLU B 185 23.14 23.14 13.49
N ALA B 186 22.29 23.76 14.29
CA ALA B 186 20.95 23.22 14.54
C ALA B 186 20.16 23.08 13.24
N SER B 187 19.53 21.92 13.10
CA SER B 187 18.68 21.64 11.95
C SER B 187 17.68 22.78 11.70
N GLY B 188 17.66 23.30 10.47
CA GLY B 188 16.72 24.35 10.11
C GLY B 188 17.28 25.77 10.16
N THR B 189 18.50 25.91 10.67
CA THR B 189 19.20 27.20 10.67
C THR B 189 20.28 27.20 9.61
N ARG B 190 20.72 28.39 9.17
CA ARG B 190 21.77 28.48 8.13
C ARG B 190 23.06 27.78 8.59
N GLY B 191 23.62 26.93 7.73
CA GLY B 191 24.86 26.19 8.05
C GLY B 191 24.62 24.85 8.72
N ASP B 192 23.37 24.39 8.71
CA ASP B 192 23.04 23.06 9.29
C ASP B 192 23.47 21.84 8.42
N ASP B 193 24.67 21.86 7.86
CA ASP B 193 25.18 20.66 7.21
C ASP B 193 25.34 19.52 8.21
N CYS B 194 25.17 18.28 7.73
CA CYS B 194 25.37 17.10 8.59
C CYS B 194 26.10 15.93 7.90
N PRO B 195 27.38 16.15 7.55
CA PRO B 195 28.09 15.19 6.72
C PRO B 195 28.30 13.89 7.52
N VAL B 196 28.49 12.80 6.80
CA VAL B 196 28.68 11.52 7.45
C VAL B 196 30.10 11.43 8.04
N ALA B 197 30.18 11.00 9.29
CA ALA B 197 31.47 10.75 9.97
C ALA B 197 31.43 9.30 10.42
N VAL B 198 32.60 8.71 10.65
CA VAL B 198 32.72 7.33 11.15
C VAL B 198 33.53 7.31 12.47
N SER B 199 33.08 6.47 13.40
CA SER B 199 33.86 6.15 14.62
C SER B 199 34.09 4.66 14.65
N TYR B 200 35.16 4.24 15.32
CA TYR B 200 35.51 2.83 15.26
C TYR B 200 35.92 2.32 16.65
N ALA B 201 35.93 0.99 16.77
CA ALA B 201 36.13 0.32 18.07
C ALA B 201 36.54 -1.10 17.85
N ASP B 202 37.26 -1.65 18.83
CA ASP B 202 37.63 -3.06 18.80
C ASP B 202 36.54 -3.93 19.44
N SER B 203 35.66 -3.30 20.22
CA SER B 203 34.52 -3.96 20.88
C SER B 203 33.18 -3.25 20.61
N PRO B 204 32.08 -4.03 20.39
CA PRO B 204 30.77 -3.38 20.24
C PRO B 204 30.42 -2.54 21.45
N ASP B 205 31.13 -2.72 22.57
CA ASP B 205 30.89 -1.90 23.76
C ASP B 205 31.63 -0.56 23.66
N GLY B 206 32.53 -0.44 22.69
CA GLY B 206 33.36 0.73 22.57
C GLY B 206 34.56 0.54 23.50
N PRO B 207 35.23 1.65 23.91
CA PRO B 207 35.11 3.06 23.49
C PRO B 207 35.25 3.27 21.97
N TRP B 208 34.70 4.37 21.48
CA TRP B 208 34.65 4.64 20.05
C TRP B 208 35.55 5.82 19.68
N THR B 209 36.44 5.60 18.71
CA THR B 209 37.33 6.66 18.25
C THR B 209 36.87 7.26 16.91
N PRO B 210 36.62 8.59 16.89
CA PRO B 210 36.24 9.30 15.64
C PRO B 210 37.39 9.39 14.64
N HIS B 211 37.08 9.32 13.35
CA HIS B 211 38.07 9.34 12.26
C HIS B 211 38.36 10.69 11.55
N THR B 212 37.49 11.68 11.66
CA THR B 212 37.82 13.06 11.16
C THR B 212 38.33 13.21 9.69
N GLU B 213 38.03 12.25 8.82
CA GLU B 213 38.18 12.43 7.37
C GLU B 213 36.78 12.41 6.74
N VAL B 214 36.63 12.96 5.53
CA VAL B 214 35.38 12.73 4.78
C VAL B 214 35.20 11.25 4.47
N VAL B 215 33.97 10.76 4.61
CA VAL B 215 33.64 9.35 4.40
C VAL B 215 32.88 9.14 3.07
N ILE B 216 31.80 9.89 2.91
CA ILE B 216 31.03 9.92 1.66
C ILE B 216 30.89 11.39 1.30
N PRO B 217 31.47 11.82 0.17
CA PRO B 217 31.35 13.24 -0.12
C PRO B 217 29.94 13.60 -0.61
N ASN B 218 29.56 14.85 -0.41
CA ASN B 218 28.39 15.37 -1.13
C ASN B 218 28.56 15.32 -2.62
N GLY B 219 27.44 15.32 -3.34
CA GLY B 219 27.49 15.46 -4.77
C GLY B 219 28.03 16.87 -5.06
N LYS B 220 28.45 17.04 -6.31
CA LYS B 220 28.92 18.33 -6.83
C LYS B 220 27.74 19.30 -6.85
N LYS B 221 28.04 20.60 -6.89
CA LYS B 221 26.96 21.60 -7.00
C LYS B 221 25.99 21.28 -8.10
N GLY B 222 24.70 21.39 -7.78
CA GLY B 222 23.64 21.19 -8.75
C GLY B 222 23.18 19.75 -8.84
N GLU B 223 23.79 18.86 -8.06
CA GLU B 223 23.45 17.43 -8.10
C GLU B 223 22.54 17.04 -6.97
N TRP B 224 21.80 15.94 -7.19
CA TRP B 224 20.74 15.52 -6.29
C TRP B 224 21.19 15.33 -4.83
N ASP B 225 22.43 14.86 -4.64
CA ASP B 225 22.96 14.63 -3.31
C ASP B 225 23.96 15.72 -2.91
N GLN B 226 23.76 16.92 -3.42
CA GLN B 226 24.74 17.99 -3.08
C GLN B 226 24.68 18.50 -1.64
N TYR B 227 23.53 18.37 -0.97
CA TYR B 227 23.39 18.90 0.37
C TYR B 227 23.29 17.83 1.45
N SER B 228 23.09 16.59 1.06
CA SER B 228 22.63 15.59 2.04
C SER B 228 23.11 14.19 1.70
N ILE B 229 23.76 13.54 2.67
CA ILE B 229 24.01 12.09 2.63
C ILE B 229 23.40 11.58 3.93
N HIS B 230 22.15 11.12 3.86
CA HIS B 230 21.39 10.78 5.07
C HIS B 230 21.23 9.26 5.24
N ASP B 231 21.05 8.81 6.48
CA ASP B 231 20.59 7.44 6.77
C ASP B 231 21.60 6.41 6.28
N PRO B 232 22.90 6.62 6.56
CA PRO B 232 23.86 5.68 5.98
C PRO B 232 23.58 4.23 6.40
N TYR B 233 23.75 3.31 5.47
CA TYR B 233 23.38 1.91 5.73
C TYR B 233 24.24 0.94 4.98
N PRO B 234 25.28 0.38 5.67
CA PRO B 234 26.23 -0.43 4.95
C PRO B 234 25.94 -1.93 4.99
N ILE B 235 26.24 -2.61 3.88
CA ILE B 235 26.17 -4.06 3.80
C ILE B 235 27.40 -4.57 3.11
N VAL B 236 28.02 -5.63 3.67
CA VAL B 236 29.09 -6.27 2.92
C VAL B 236 28.53 -7.09 1.75
N TYR B 237 29.00 -6.81 0.56
CA TYR B 237 28.47 -7.41 -0.63
C TYR B 237 29.53 -7.34 -1.72
N LYS B 238 29.69 -8.42 -2.47
CA LYS B 238 30.63 -8.45 -3.58
C LYS B 238 32.06 -8.04 -3.16
N ASP B 239 32.42 -8.44 -1.94
CA ASP B 239 33.77 -8.28 -1.36
C ASP B 239 34.02 -6.86 -0.88
N LYS B 240 33.00 -6.00 -1.03
CA LYS B 240 33.17 -4.59 -0.70
C LYS B 240 32.12 -4.13 0.30
N ILE B 241 32.13 -2.85 0.64
CA ILE B 241 31.11 -2.30 1.50
C ILE B 241 30.17 -1.48 0.60
N TYR B 242 28.92 -1.93 0.49
CA TYR B 242 27.89 -1.22 -0.29
C TYR B 242 27.13 -0.41 0.74
N LEU B 243 27.20 0.92 0.68
CA LEU B 243 26.58 1.76 1.65
C LEU B 243 25.49 2.54 0.91
N TYR B 244 24.24 2.34 1.33
CA TYR B 244 23.09 3.02 0.72
C TYR B 244 22.71 4.18 1.61
N TYR B 245 22.20 5.25 1.01
CA TYR B 245 21.87 6.44 1.77
C TYR B 245 20.68 7.12 1.07
N LYS B 246 20.09 8.11 1.72
CA LYS B 246 19.01 8.91 1.13
C LYS B 246 19.45 10.36 0.99
N SER B 247 18.98 11.03 -0.06
CA SER B 247 19.19 12.48 -0.21
C SER B 247 17.87 13.19 -0.37
N ASP B 248 17.79 14.42 0.17
CA ASP B 248 16.66 15.36 0.01
C ASP B 248 17.01 16.30 -1.13
N PHE B 249 16.21 16.29 -2.19
CA PHE B 249 16.48 17.22 -3.31
C PHE B 249 15.24 17.89 -3.86
N ASP B 250 15.39 18.59 -4.99
CA ASP B 250 14.26 19.36 -5.52
C ASP B 250 13.70 20.34 -4.48
N GLY B 251 12.38 20.35 -4.25
CA GLY B 251 11.79 21.29 -3.31
C GLY B 251 10.56 22.00 -3.82
N ASP B 252 10.28 21.91 -5.12
CA ASP B 252 9.15 22.62 -5.69
C ASP B 252 8.34 21.67 -6.56
N PRO B 253 7.17 21.23 -6.06
CA PRO B 253 6.48 21.83 -4.91
C PRO B 253 6.90 21.33 -3.55
N ASN B 254 7.54 20.18 -3.50
CA ASN B 254 8.06 19.66 -2.24
C ASN B 254 9.43 19.03 -2.42
N LEU B 255 10.09 18.73 -1.32
CA LEU B 255 11.28 17.91 -1.46
C LEU B 255 10.97 16.56 -2.11
N VAL B 256 11.97 16.02 -2.79
CA VAL B 256 11.97 14.68 -3.35
C VAL B 256 13.04 13.89 -2.60
N ARG B 257 12.70 12.67 -2.20
CA ARG B 257 13.69 11.76 -1.58
C ARG B 257 13.94 10.57 -2.50
N MET B 258 15.21 10.22 -2.74
CA MET B 258 15.55 9.00 -3.43
C MET B 258 16.80 8.43 -2.73
N GLN B 259 17.19 7.22 -3.09
CA GLN B 259 18.28 6.55 -2.40
C GLN B 259 19.41 6.24 -3.33
N GLY B 260 20.62 6.35 -2.80
CA GLY B 260 21.79 6.13 -3.65
C GLY B 260 22.72 5.11 -3.02
N LEU B 261 23.74 4.73 -3.78
CA LEU B 261 24.69 3.73 -3.34
C LEU B 261 26.10 4.30 -3.45
N ALA B 262 26.93 4.00 -2.45
CA ALA B 262 28.36 4.32 -2.60
C ALA B 262 29.14 3.10 -2.09
N ILE B 263 30.32 2.85 -2.66
CA ILE B 263 31.01 1.57 -2.37
C ILE B 263 32.43 1.91 -1.91
N ALA B 264 32.93 1.17 -0.93
CA ALA B 264 34.32 1.35 -0.48
C ALA B 264 35.04 0.00 -0.43
N ASP B 265 36.37 0.06 -0.50
CA ASP B 265 37.26 -1.08 -0.19
C ASP B 265 37.67 -1.14 1.28
N ASN B 266 37.45 -0.04 2.01
CA ASN B 266 37.92 0.13 3.36
C ASN B 266 36.82 0.75 4.15
N PRO B 267 36.60 0.29 5.40
CA PRO B 267 35.50 0.85 6.16
C PRO B 267 35.64 2.33 6.50
N LEU B 268 36.86 2.86 6.46
CA LEU B 268 37.01 4.29 6.72
C LEU B 268 36.61 5.14 5.53
N GLY B 269 36.35 4.48 4.41
CA GLY B 269 36.14 5.14 3.14
C GLY B 269 37.48 5.62 2.63
N PRO B 270 37.48 6.55 1.65
CA PRO B 270 36.26 7.20 1.11
C PRO B 270 35.41 6.30 0.19
N PHE B 271 34.10 6.55 0.16
CA PHE B 271 33.21 5.75 -0.66
C PHE B 271 32.99 6.43 -2.02
N LYS B 272 32.89 5.62 -3.06
CA LYS B 272 32.74 6.07 -4.43
C LYS B 272 31.28 5.84 -4.85
N LYS B 273 30.67 6.88 -5.38
CA LYS B 273 29.25 6.74 -5.76
C LYS B 273 29.00 5.91 -7.00
N SER B 274 27.88 5.15 -6.99
CA SER B 274 27.42 4.55 -8.23
C SER B 274 27.12 5.62 -9.28
N PRO B 275 27.58 5.44 -10.53
CA PRO B 275 27.21 6.41 -11.59
C PRO B 275 25.75 6.30 -11.94
N LEU B 276 25.06 5.29 -11.42
CA LEU B 276 23.65 5.11 -11.73
C LEU B 276 22.74 5.64 -10.61
N ASN B 277 23.29 6.34 -9.62
CA ASN B 277 22.45 6.95 -8.54
C ASN B 277 21.48 7.96 -9.15
N PRO B 278 20.24 8.03 -8.63
CA PRO B 278 19.69 7.20 -7.53
C PRO B 278 19.36 5.81 -8.00
N VAL B 279 19.61 4.86 -7.10
CA VAL B 279 19.28 3.47 -7.33
C VAL B 279 17.86 3.09 -6.91
N ILE B 280 17.23 3.87 -6.04
CA ILE B 280 15.83 3.62 -5.68
C ILE B 280 15.09 4.94 -5.83
N ASN B 281 13.98 4.91 -6.56
CA ASN B 281 13.29 6.16 -6.97
C ASN B 281 12.26 6.71 -5.98
N SER B 282 12.23 6.14 -4.80
CA SER B 282 11.25 6.44 -3.82
C SER B 282 11.82 6.13 -2.43
N GLY B 283 10.95 6.14 -1.45
CA GLY B 283 11.31 5.76 -0.12
C GLY B 283 11.75 6.92 0.74
N HIS B 284 12.37 6.61 1.84
CA HIS B 284 12.82 7.60 2.76
C HIS B 284 14.11 7.11 3.40
N GLU B 285 14.08 6.85 4.69
CA GLU B 285 15.23 6.22 5.34
C GLU B 285 15.56 4.87 4.70
N THR B 286 16.83 4.57 4.51
CA THR B 286 17.24 3.33 3.86
C THR B 286 17.26 2.14 4.81
N THR B 287 16.77 1.00 4.32
CA THR B 287 16.91 -0.32 4.96
C THR B 287 17.03 -1.41 3.91
N LEU B 288 18.12 -2.18 3.95
CA LEU B 288 18.39 -3.19 2.97
C LEU B 288 18.98 -4.46 3.57
N PHE B 289 19.03 -5.53 2.78
CA PHE B 289 19.64 -6.80 3.23
C PHE B 289 19.96 -7.69 2.06
N PRO B 290 21.04 -8.50 2.14
CA PRO B 290 21.32 -9.39 1.01
C PRO B 290 20.22 -10.43 0.90
N PHE B 291 19.93 -10.83 -0.30
CA PHE B 291 18.87 -11.73 -0.56
C PHE B 291 19.23 -12.48 -1.80
N LYS B 292 19.42 -13.78 -1.65
CA LYS B 292 19.86 -14.58 -2.75
C LYS B 292 21.16 -13.96 -3.27
N GLU B 293 21.39 -13.90 -4.57
CA GLU B 293 22.61 -13.25 -5.08
C GLU B 293 22.55 -11.72 -5.11
N GLY B 294 21.38 -11.20 -4.80
CA GLY B 294 21.08 -9.77 -4.85
C GLY B 294 20.91 -9.07 -3.53
N MET B 295 20.18 -7.96 -3.55
CA MET B 295 20.00 -7.09 -2.42
C MET B 295 18.52 -6.67 -2.43
N ALA B 296 17.86 -6.76 -1.29
CA ALA B 296 16.44 -6.33 -1.15
C ALA B 296 16.42 -5.07 -0.35
N ALA B 297 15.35 -4.26 -0.51
CA ALA B 297 15.23 -2.98 0.15
C ALA B 297 13.79 -2.72 0.61
N LEU B 298 13.63 -2.06 1.75
CA LEU B 298 12.32 -1.60 2.20
C LEU B 298 12.19 -0.16 1.67
N VAL B 299 11.13 0.11 0.92
CA VAL B 299 10.95 1.45 0.27
C VAL B 299 9.72 2.09 0.87
N ILE B 300 9.94 2.97 1.85
CA ILE B 300 8.87 3.42 2.75
C ILE B 300 8.37 4.88 2.56
N ARG B 301 7.08 5.10 2.83
CA ARG B 301 6.46 6.44 3.01
C ARG B 301 6.28 7.32 1.79
N ASP B 302 7.39 7.69 1.15
CA ASP B 302 7.33 8.71 0.09
C ASP B 302 7.71 8.15 -1.27
N GLY B 303 7.44 8.95 -2.31
CA GLY B 303 7.71 8.54 -3.70
C GLY B 303 6.58 7.68 -4.29
N THR B 304 6.63 7.55 -5.60
CA THR B 304 5.62 6.75 -6.32
C THR B 304 5.60 5.31 -5.84
N GLU B 305 6.77 4.78 -5.48
CA GLU B 305 6.90 3.36 -5.11
C GLU B 305 7.02 3.17 -3.59
N HIS B 306 6.49 4.12 -2.82
CA HIS B 306 6.28 3.85 -1.39
C HIS B 306 5.52 2.55 -1.14
N ASN B 307 5.72 1.97 0.05
CA ASN B 307 5.04 0.69 0.40
C ASN B 307 5.41 -0.50 -0.47
N THR B 308 6.67 -0.55 -0.86
CA THR B 308 7.14 -1.70 -1.62
C THR B 308 8.38 -2.28 -0.94
N VAL B 309 8.58 -3.57 -1.20
CA VAL B 309 9.86 -4.24 -1.05
C VAL B 309 10.43 -4.36 -2.43
N GLN B 310 11.70 -3.97 -2.59
CA GLN B 310 12.31 -4.04 -3.90
C GLN B 310 13.51 -4.95 -3.90
N TYR B 311 13.92 -5.35 -5.09
CA TYR B 311 15.05 -6.25 -5.24
C TYR B 311 15.92 -5.94 -6.45
N ALA B 312 17.24 -6.00 -6.23
CA ALA B 312 18.21 -5.80 -7.29
C ALA B 312 19.14 -7.03 -7.30
N GLU B 313 19.24 -7.67 -8.45
CA GLU B 313 20.09 -8.87 -8.63
C GLU B 313 21.54 -8.50 -8.36
N ASP B 314 21.90 -7.25 -8.68
CA ASP B 314 23.26 -6.75 -8.58
C ASP B 314 23.49 -5.64 -7.52
N GLY B 315 22.51 -5.40 -6.66
CA GLY B 315 22.59 -4.34 -5.68
C GLY B 315 22.41 -2.90 -6.21
N VAL B 316 22.14 -2.76 -7.51
CA VAL B 316 22.09 -1.43 -8.19
C VAL B 316 20.77 -1.17 -8.96
N ASN B 317 20.32 -2.20 -9.63
CA ASN B 317 19.12 -2.10 -10.48
C ASN B 317 17.92 -2.76 -9.80
N PHE B 318 17.13 -1.92 -9.14
CA PHE B 318 16.06 -2.38 -8.24
C PHE B 318 14.70 -2.37 -8.92
N ASN B 319 13.96 -3.45 -8.70
CA ASN B 319 12.62 -3.65 -9.24
C ASN B 319 11.69 -3.91 -8.10
N ILE B 320 10.41 -3.63 -8.31
CA ILE B 320 9.40 -3.84 -7.26
C ILE B 320 9.21 -5.35 -7.06
N ALA B 321 9.40 -5.81 -5.83
CA ALA B 321 9.25 -7.24 -5.53
C ALA B 321 7.91 -7.56 -4.89
N SER B 322 7.35 -6.59 -4.18
CA SER B 322 6.01 -6.75 -3.56
C SER B 322 5.49 -5.41 -3.15
N ILE B 323 4.19 -5.38 -2.85
CA ILE B 323 3.54 -4.24 -2.29
C ILE B 323 2.99 -4.65 -0.97
N VAL B 324 3.33 -3.85 0.03
CA VAL B 324 3.06 -4.18 1.43
C VAL B 324 2.46 -3.00 2.20
N GLU B 325 2.02 -3.24 3.42
CA GLU B 325 1.47 -2.12 4.18
CA GLU B 325 1.28 -2.29 4.26
C GLU B 325 2.01 -2.08 5.59
N PHE B 326 1.81 -0.91 6.21
CA PHE B 326 2.27 -0.65 7.61
C PHE B 326 3.74 -1.01 7.79
N MET B 327 4.55 -0.50 6.87
CA MET B 327 6.00 -0.74 6.88
C MET B 327 6.66 -0.08 8.08
N PRO B 328 7.76 -0.68 8.59
CA PRO B 328 8.44 -0.06 9.74
C PRO B 328 9.12 1.22 9.25
N ASN B 329 9.31 2.19 10.14
CA ASN B 329 10.03 3.40 9.83
C ASN B 329 11.51 3.26 10.23
N ALA B 330 12.39 3.50 9.31
CA ALA B 330 13.79 3.53 9.60
C ALA B 330 14.26 2.24 10.27
N ALA B 331 13.88 1.14 9.69
CA ALA B 331 14.14 -0.16 10.26
C ALA B 331 15.60 -0.45 10.38
N GLY B 332 15.93 -1.10 11.48
CA GLY B 332 17.21 -1.75 11.64
C GLY B 332 16.96 -3.19 11.95
N PRO B 333 17.05 -4.01 10.82
CA PRO B 333 16.78 -5.41 11.04
C PRO B 333 17.96 -6.07 11.72
N TYR B 334 17.76 -7.26 12.26
CA TYR B 334 18.84 -8.15 12.57
C TYR B 334 19.13 -8.86 11.29
N VAL B 335 20.27 -8.54 10.70
CA VAL B 335 20.71 -9.14 9.46
C VAL B 335 21.92 -10.02 9.75
N ALA B 336 21.67 -11.32 10.00
CA ALA B 336 22.76 -12.22 10.43
C ALA B 336 23.92 -12.26 9.43
N ASP B 337 23.61 -12.16 8.15
CA ASP B 337 24.62 -12.22 7.10
C ASP B 337 24.94 -10.83 6.51
N ALA B 338 24.81 -9.79 7.33
CA ALA B 338 25.14 -8.39 6.90
C ALA B 338 26.62 -8.23 6.56
N PHE B 339 27.46 -8.98 7.28
CA PHE B 339 28.92 -8.74 7.24
C PHE B 339 29.77 -9.89 6.74
N THR B 340 29.14 -11.02 6.47
CA THR B 340 29.84 -12.26 6.19
C THR B 340 30.23 -12.43 4.72
N ASN B 341 29.94 -11.42 3.89
CA ASN B 341 30.24 -11.49 2.46
C ASN B 341 29.53 -12.68 1.83
N THR B 342 28.30 -12.91 2.25
CA THR B 342 27.51 -14.02 1.73
C THR B 342 27.32 -14.01 0.20
N LYS B 343 27.31 -15.20 -0.41
CA LYS B 343 27.02 -15.34 -1.85
C LYS B 343 25.54 -15.69 -2.13
N TYR B 344 24.77 -15.77 -1.04
CA TYR B 344 23.34 -16.09 -1.12
C TYR B 344 22.65 -15.68 0.15
N GLY B 345 22.01 -14.51 0.20
CA GLY B 345 21.55 -13.95 1.46
C GLY B 345 20.21 -14.56 1.89
N ARG B 346 19.95 -14.59 3.20
CA ARG B 346 18.82 -15.37 3.73
C ARG B 346 17.57 -14.53 3.86
N GLY B 347 17.75 -13.23 4.08
CA GLY B 347 16.61 -12.33 4.35
C GLY B 347 16.43 -12.07 5.82
N ILE B 348 15.30 -11.45 6.19
CA ILE B 348 15.11 -10.94 7.56
C ILE B 348 13.76 -11.36 8.11
N SER B 349 13.63 -11.29 9.43
CA SER B 349 12.39 -11.66 10.11
C SER B 349 12.07 -10.76 11.30
N TRP B 350 13.03 -9.95 11.78
CA TRP B 350 12.74 -9.02 12.88
C TRP B 350 13.79 -7.90 12.98
N GLY B 351 13.46 -6.91 13.76
CA GLY B 351 14.40 -5.86 14.07
C GLY B 351 13.74 -4.77 14.87
N ILE B 352 14.43 -3.64 14.95
CA ILE B 352 13.96 -2.48 15.64
C ILE B 352 13.60 -1.39 14.64
N SER B 353 12.60 -0.57 14.98
CA SER B 353 12.21 0.54 14.12
C SER B 353 11.75 1.65 15.04
N HIS B 354 11.19 2.74 14.51
CA HIS B 354 10.70 3.83 15.34
C HIS B 354 9.34 4.41 15.01
N PHE B 355 8.76 5.13 15.98
CA PHE B 355 7.54 5.92 15.76
C PHE B 355 7.85 7.36 16.14
N THR B 356 7.54 8.28 15.24
CA THR B 356 7.81 9.70 15.43
C THR B 356 6.58 10.42 15.95
N ASN B 357 6.77 11.60 16.57
CA ASN B 357 5.65 12.33 17.19
C ASN B 357 4.72 11.40 18.00
N ALA B 358 5.34 10.62 18.87
CA ALA B 358 4.70 9.57 19.61
C ALA B 358 3.58 10.09 20.50
N THR B 359 3.66 11.30 20.99
CA THR B 359 2.53 11.93 21.66
C THR B 359 1.94 13.12 20.94
N THR B 360 2.37 14.31 21.27
CA THR B 360 1.92 15.50 20.58
C THR B 360 3.13 16.29 20.11
N TRP B 361 2.93 17.15 19.14
CA TRP B 361 3.98 17.96 18.56
C TRP B 361 4.63 18.94 19.55
N ASP B 362 3.85 19.61 20.37
CA ASP B 362 4.43 20.48 21.41
C ASP B 362 5.27 19.70 22.43
N GLN B 363 5.20 18.37 22.37
CA GLN B 363 6.01 17.47 23.18
C GLN B 363 6.70 16.45 22.27
N ASN B 364 7.21 16.94 21.15
CA ASN B 364 7.73 16.11 20.08
C ASN B 364 8.88 15.16 20.46
N HIS B 365 8.63 13.86 20.34
CA HIS B 365 9.69 12.86 20.45
C HIS B 365 9.29 11.58 19.74
N ALA B 366 10.30 10.75 19.51
CA ALA B 366 10.14 9.46 18.88
C ALA B 366 10.41 8.33 19.88
N VAL B 367 9.83 7.16 19.61
CA VAL B 367 10.09 5.94 20.38
C VAL B 367 10.57 4.79 19.50
N LEU B 368 11.37 3.92 20.11
CA LEU B 368 11.86 2.69 19.48
C LEU B 368 10.80 1.61 19.67
N ALA B 369 10.58 0.79 18.64
CA ALA B 369 9.64 -0.35 18.66
C ALA B 369 10.26 -1.57 18.05
N ARG B 370 9.68 -2.74 18.31
CA ARG B 370 10.11 -3.96 17.63
C ARG B 370 9.15 -4.30 16.49
N PHE B 371 9.72 -4.75 15.38
CA PHE B 371 8.93 -5.29 14.28
C PHE B 371 9.32 -6.74 13.98
N ASP B 372 8.34 -7.55 13.59
CA ASP B 372 8.54 -8.91 13.12
C ASP B 372 7.82 -9.07 11.76
N CYS B 373 8.36 -9.95 10.91
CA CYS B 373 7.88 -10.19 9.56
C CYS B 373 8.41 -11.49 9.03
N ASP B 374 8.07 -11.83 7.80
CA ASP B 374 8.74 -12.91 7.10
C ASP B 374 9.19 -12.44 5.74
N LEU B 375 10.45 -11.97 5.70
CA LEU B 375 11.17 -11.69 4.48
C LEU B 375 12.40 -12.62 4.45
N SER B 376 12.17 -13.86 4.86
CA SER B 376 13.25 -14.79 5.13
C SER B 376 13.11 -16.14 4.42
N LEU B 377 14.22 -16.63 3.86
CA LEU B 377 14.31 -17.94 3.24
C LEU B 377 14.15 -19.06 4.27
N ASP B 378 14.23 -18.68 5.55
CA ASP B 378 14.29 -19.65 6.64
C ASP B 378 13.10 -19.55 7.58
N VAL B 379 12.10 -18.79 7.16
CA VAL B 379 10.90 -18.61 7.92
C VAL B 379 9.76 -18.80 6.92
N ASP B 380 8.71 -19.52 7.34
CA ASP B 380 7.52 -19.68 6.50
C ASP B 380 6.30 -19.59 7.41
N ASP B 381 5.71 -18.40 7.50
CA ASP B 381 4.60 -18.15 8.39
C ASP B 381 3.43 -17.50 7.63
N PRO B 382 2.47 -18.33 7.18
CA PRO B 382 1.27 -17.80 6.51
C PRO B 382 0.55 -16.71 7.31
N HIS B 383 0.69 -16.70 8.64
CA HIS B 383 0.07 -15.64 9.45
C HIS B 383 0.84 -14.29 9.42
N MET B 384 1.93 -14.27 8.66
CA MET B 384 2.65 -13.04 8.33
C MET B 384 2.35 -12.64 6.88
N LYS B 385 1.46 -13.36 6.22
CA LYS B 385 1.31 -13.22 4.77
C LYS B 385 -0.15 -13.02 4.35
N ARG B 386 -0.99 -12.57 5.28
CA ARG B 386 -2.38 -12.17 4.89
C ARG B 386 -2.25 -10.95 3.99
N LEU B 387 -3.28 -10.68 3.20
CA LEU B 387 -3.14 -9.62 2.18
C LEU B 387 -3.43 -8.20 2.64
N GLY B 388 -3.79 -8.02 3.89
CA GLY B 388 -4.17 -6.71 4.38
C GLY B 388 -4.64 -6.82 5.80
N THR B 389 -4.73 -5.68 6.48
CA THR B 389 -5.27 -5.56 7.83
C THR B 389 -6.36 -4.53 7.75
N TYR B 390 -7.55 -4.92 8.18
CA TYR B 390 -8.71 -4.06 7.99
C TYR B 390 -9.39 -3.73 9.31
N PHE B 391 -10.14 -2.63 9.31
CA PHE B 391 -10.63 -2.07 10.55
C PHE B 391 -12.12 -1.86 10.48
N LYS B 392 -12.69 -1.39 11.58
CA LYS B 392 -14.11 -1.06 11.65
C LYS B 392 -14.41 0.32 11.03
N PRO B 393 -15.70 0.59 10.66
CA PRO B 393 -15.96 1.86 9.98
C PRO B 393 -15.45 3.11 10.71
N GLU B 394 -15.54 3.12 12.03
CA GLU B 394 -15.17 4.31 12.79
C GLU B 394 -13.69 4.68 12.61
N PHE B 395 -12.85 3.69 12.33
CA PHE B 395 -11.42 3.95 12.01
C PHE B 395 -11.34 4.74 10.72
N TYR B 396 -12.04 4.29 9.68
CA TYR B 396 -11.97 5.03 8.43
C TYR B 396 -12.60 6.44 8.47
N TYR B 397 -13.64 6.63 9.31
CA TYR B 397 -14.27 7.96 9.36
C TYR B 397 -13.32 9.00 10.00
N GLN B 398 -12.29 8.52 10.69
CA GLN B 398 -11.31 9.48 11.24
C GLN B 398 -10.46 10.08 10.14
N MET B 399 -10.45 9.42 8.97
CA MET B 399 -9.81 9.99 7.81
C MET B 399 -10.84 10.72 6.95
N GLY B 400 -11.40 11.81 7.49
CA GLY B 400 -12.49 12.50 6.82
C GLY B 400 -12.05 13.71 6.05
N LEU B 401 -13.01 14.47 5.59
CA LEU B 401 -12.77 15.66 4.82
C LEU B 401 -12.54 16.86 5.73
N SER B 402 -11.72 17.79 5.29
CA SER B 402 -11.57 19.09 5.98
C SER B 402 -12.76 20.01 5.65
N LYS B 403 -12.96 21.10 6.40
CA LYS B 403 -14.04 22.04 6.06
C LYS B 403 -13.83 22.61 4.65
N LYS B 404 -12.58 22.95 4.34
CA LYS B 404 -12.16 23.44 3.03
C LYS B 404 -12.50 22.46 1.89
N GLN B 405 -12.21 21.19 2.08
CA GLN B 405 -12.58 20.18 1.06
C GLN B 405 -14.10 20.05 0.90
N ARG B 406 -14.83 20.00 2.02
CA ARG B 406 -16.29 20.02 1.94
C ARG B 406 -16.89 21.18 1.18
N GLU B 407 -16.39 22.39 1.46
CA GLU B 407 -16.80 23.55 0.69
C GLU B 407 -16.52 23.43 -0.79
N ARG B 408 -15.34 22.93 -1.16
CA ARG B 408 -14.99 22.75 -2.56
C ARG B 408 -15.93 21.73 -3.25
N ILE B 409 -16.16 20.63 -2.54
CA ILE B 409 -16.86 19.44 -3.07
C ILE B 409 -18.32 19.77 -3.42
N GLU B 410 -18.90 20.69 -2.64
CA GLU B 410 -19.97 21.63 -3.04
C GLU B 410 -20.91 21.96 -1.90
CA CA C . -6.39 15.71 -10.28
CA CA D . -19.57 -3.47 -7.76
C1 PEG E . -13.39 -4.72 6.45
O1 PEG E . -12.61 -5.18 5.32
C2 PEG E . -14.36 -3.65 5.96
O2 PEG E . -14.31 -3.55 4.53
C3 PEG E . -14.97 -4.59 3.79
C4 PEG E . -14.16 -5.10 2.60
O4 PEG E . -14.23 -6.54 2.48
C1 EDO F . -34.07 -9.04 1.34
O1 EDO F . -33.29 -9.87 2.19
C2 EDO F . -35.58 -9.08 1.62
O2 EDO F . -35.74 -8.67 2.99
C1 EDO G . -21.99 16.07 -5.25
O1 EDO G . -21.52 17.42 -5.29
C2 EDO G . -20.88 15.25 -4.63
O2 EDO G . -20.65 15.72 -3.32
C1 EDO H . -35.04 -4.33 -23.58
O1 EDO H . -35.08 -4.15 -25.01
C2 EDO H . -35.05 -2.91 -23.02
O2 EDO H . -36.39 -2.33 -23.03
C1 EDO I . 0.33 3.15 -16.26
O1 EDO I . 0.63 2.84 -17.63
C2 EDO I . 0.35 4.67 -16.13
O2 EDO I . 1.35 5.21 -17.00
C1 EDO J . -13.87 2.49 -33.47
O1 EDO J . -14.02 3.88 -33.80
C2 EDO J . -13.22 2.41 -32.09
O2 EDO J . -13.66 3.52 -31.30
C1 EDO K . -2.24 15.84 -10.76
O1 EDO K . -1.59 15.15 -9.73
C2 EDO K . -3.11 16.94 -10.12
O2 EDO K . -4.21 16.33 -9.41
C1 EDO L . 12.30 -19.44 21.71
O1 EDO L . 11.51 -18.28 21.43
C2 EDO L . 13.31 -19.62 20.59
O2 EDO L . 12.74 -20.49 19.60
C1 EDO M . -14.96 13.27 -24.95
O1 EDO M . -15.70 12.83 -26.09
C2 EDO M . -14.81 14.77 -24.97
O2 EDO M . -13.46 15.02 -25.33
C1 EDO N . -30.94 -2.63 -26.96
O1 EDO N . -31.27 -1.47 -27.66
C2 EDO N . -32.26 -3.11 -26.34
O2 EDO N . -31.94 -3.86 -25.18
C1 EDO O . -24.79 4.12 -27.01
O1 EDO O . -25.31 4.40 -28.31
C2 EDO O . -26.00 3.95 -26.12
O2 EDO O . -26.46 5.22 -25.67
C1 EDO P . -27.82 3.12 11.47
O1 EDO P . -28.25 4.38 10.96
C2 EDO P . -29.05 2.41 12.00
O2 EDO P . -28.74 1.14 12.55
C1 EDO Q . -38.58 11.00 -10.60
O1 EDO Q . -37.79 10.52 -9.50
C2 EDO Q . -39.41 12.21 -10.17
O2 EDO Q . -38.50 13.31 -10.06
C1 EDO R . 6.95 12.09 -17.81
O1 EDO R . 7.81 10.96 -17.61
C2 EDO R . 5.56 11.59 -18.21
O2 EDO R . 5.64 10.63 -19.27
C1 EDO S . -33.07 13.01 -3.04
O1 EDO S . -33.36 11.92 -2.16
C2 EDO S . -34.33 13.66 -3.54
O2 EDO S . -34.97 14.29 -2.43
C1 EDO T . -34.32 -25.17 -6.57
O1 EDO T . -34.90 -26.36 -6.05
C2 EDO T . -34.58 -25.12 -8.07
O2 EDO T . -33.48 -24.47 -8.68
C1 EDO U . -1.10 0.96 3.66
O1 EDO U . -0.09 1.23 4.71
C2 EDO U . -2.55 0.59 4.09
O2 EDO U . -3.52 0.42 3.01
C1 EDO V . -10.46 -0.12 3.65
O1 EDO V . -9.38 0.38 2.89
C2 EDO V . -11.39 1.08 3.78
O2 EDO V . -12.22 1.18 2.63
C1 3DY W . -17.86 -9.14 -2.85
C2 3DY W . -18.05 -9.29 -4.41
C3 3DY W . -19.26 -10.20 -4.77
C4 3DY W . -19.05 -11.57 -4.09
C5 3DY W . -19.35 -11.20 -2.69
C6 3DY W . -20.60 -10.30 -2.83
O1 3DY W . -18.35 -7.83 -2.28
O2 3DY W . -16.78 -9.83 -4.99
O3 3DY W . -20.50 -9.70 -4.17
O4 3DY W . -20.08 -12.53 -4.49
O5 3DY W . -18.20 -10.42 -2.09
CA CA X . 19.01 4.09 9.59
CA CA Y . 9.64 -16.86 3.97
C1 EDO Z . 11.69 -8.16 -8.13
O1 EDO Z . 11.90 -8.09 -9.53
C2 EDO Z . 11.43 -9.62 -7.76
O2 EDO Z . 11.13 -10.36 -8.95
C1 EDO AA . -23.17 14.55 6.84
O1 EDO AA . -22.05 14.53 5.95
C2 EDO AA . -24.43 15.09 6.17
O2 EDO AA . -24.18 16.33 5.50
C1 EDO BA . 17.29 13.93 9.96
O1 EDO BA . 18.46 14.65 9.54
C2 EDO BA . 17.77 12.81 10.89
O2 EDO BA . 18.40 11.80 10.08
C1 EDO CA . 27.02 1.05 -10.96
O1 EDO CA . 27.30 0.64 -12.32
C2 EDO CA . 27.64 0.06 -9.99
O2 EDO CA . 27.81 0.68 -8.72
C1 EDO DA . 13.74 13.81 7.85
O1 EDO DA . 13.86 13.18 6.55
C2 EDO DA . 13.71 12.77 8.95
O2 EDO DA . 12.61 11.87 8.69
#